data_1CKM
#
_entry.id   1CKM
#
_cell.length_a   93.332
_cell.length_b   214.931
_cell.length_c   105.752
_cell.angle_alpha   90.00
_cell.angle_beta   90.00
_cell.angle_gamma   90.00
#
_symmetry.space_group_name_H-M   'C 2 2 21'
#
loop_
_entity.id
_entity.type
_entity.pdbx_description
1 polymer 'MRNA CAPPING ENZYME'
2 non-polymer "GUANOSINE-5'-TRIPHOSPHATE"
3 water water
#
_entity_poly.entity_id   1
_entity_poly.type   'polypeptide(L)'
_entity_poly.pdbx_seq_one_letter_code
;MVPPTINTGKNITTERAVLTLNGLQIKLHKVVGESRDDIVAKMKDLAMDDHKFPRLPGPNPVSIERKDFEKLKQNKYVVS
EKTDGIRFMMFFTRVFGFKVCTIIDRAMTVYLLPFKNIPRVLFQGSIFDGELCVDIVEKKFAFVLFDAVVVSGVTVSQMD
LASRFFAMKRSLKEFKNVPEDPAILRYKEWIPLEHPTIIKDHLKKANAIYHTDGLIIMSVDEPVIYGRNFNLFKLKPGTH
HTIDFIIMSEDGTIGIFDPNLRKNVPVGKLDGYYNKGSIVECGFADGTWKYIQGRSDKNQANDRLTYEKTLLNIEENITI
DELLDLFKWE
;
_entity_poly.pdbx_strand_id   A,B
#
loop_
_chem_comp.id
_chem_comp.type
_chem_comp.name
_chem_comp.formula
GTP non-polymer GUANOSINE-5'-TRIPHOSPHATE 'C10 H16 N5 O14 P3'
#
# COMPACT_ATOMS: atom_id res chain seq x y z
N ASN A 11 2.76 -38.71 -7.23
CA ASN A 11 1.81 -37.61 -7.39
C ASN A 11 2.69 -36.36 -7.38
N ILE A 12 2.15 -35.18 -7.69
CA ILE A 12 2.91 -33.95 -7.52
C ILE A 12 2.65 -33.52 -6.08
N THR A 13 3.71 -33.48 -5.29
CA THR A 13 3.67 -33.11 -3.89
C THR A 13 3.51 -31.61 -3.76
N THR A 14 2.31 -31.26 -3.29
CA THR A 14 1.94 -29.88 -3.19
C THR A 14 1.71 -29.51 -1.75
N GLU A 15 1.67 -28.20 -1.54
CA GLU A 15 1.43 -27.58 -0.25
C GLU A 15 0.64 -26.33 -0.60
N ARG A 16 -0.39 -25.98 0.15
CA ARG A 16 -1.23 -24.85 -0.20
C ARG A 16 -0.76 -23.48 0.24
N ALA A 17 -1.19 -22.43 -0.46
CA ALA A 17 -0.60 -21.10 -0.34
C ALA A 17 -1.63 -20.16 -0.87
N VAL A 18 -1.55 -18.93 -0.38
CA VAL A 18 -2.54 -17.92 -0.74
C VAL A 18 -1.77 -16.69 -1.12
N LEU A 19 -2.10 -16.08 -2.23
CA LEU A 19 -1.40 -14.87 -2.59
C LEU A 19 -2.38 -13.77 -2.48
N THR A 20 -1.95 -12.63 -1.95
CA THR A 20 -2.84 -11.47 -1.76
C THR A 20 -2.36 -10.38 -2.71
N LEU A 21 -3.22 -9.83 -3.53
CA LEU A 21 -2.78 -8.79 -4.42
C LEU A 21 -3.95 -7.91 -4.53
N ASN A 22 -3.67 -6.65 -4.24
CA ASN A 22 -4.61 -5.58 -4.39
C ASN A 22 -5.90 -5.78 -3.61
N GLY A 23 -5.78 -6.41 -2.43
CA GLY A 23 -6.93 -6.57 -1.54
C GLY A 23 -7.72 -7.84 -1.77
N LEU A 24 -7.23 -8.64 -2.73
CA LEU A 24 -7.84 -9.90 -3.13
C LEU A 24 -6.79 -10.96 -2.97
N GLN A 25 -7.26 -12.20 -2.83
CA GLN A 25 -6.37 -13.33 -2.57
C GLN A 25 -6.63 -14.48 -3.54
N ILE A 26 -5.60 -15.26 -3.86
CA ILE A 26 -5.73 -16.43 -4.71
C ILE A 26 -5.10 -17.54 -3.92
N LYS A 27 -5.80 -18.67 -3.93
CA LYS A 27 -5.33 -19.87 -3.26
C LYS A 27 -4.77 -20.80 -4.32
N LEU A 28 -3.57 -21.31 -4.11
CA LEU A 28 -2.86 -22.07 -5.12
C LEU A 28 -2.10 -23.19 -4.43
N HIS A 29 -1.84 -24.29 -5.13
CA HIS A 29 -0.99 -25.32 -4.57
C HIS A 29 0.45 -24.99 -4.91
N LYS A 30 1.25 -24.71 -3.90
CA LYS A 30 2.68 -24.54 -4.11
C LYS A 30 3.24 -25.94 -4.28
N VAL A 31 4.08 -26.12 -5.29
CA VAL A 31 4.62 -27.41 -5.65
C VAL A 31 5.86 -27.54 -4.81
N VAL A 32 6.08 -28.69 -4.20
CA VAL A 32 7.13 -28.77 -3.21
C VAL A 32 8.12 -29.89 -3.52
N GLY A 33 9.29 -29.79 -2.90
CA GLY A 33 10.30 -30.84 -2.89
C GLY A 33 10.80 -31.20 -4.27
N GLU A 34 11.12 -32.49 -4.43
CA GLU A 34 11.48 -33.03 -5.74
C GLU A 34 10.52 -32.67 -6.87
N SER A 35 9.20 -32.64 -6.72
CA SER A 35 8.35 -32.13 -7.76
C SER A 35 8.80 -30.73 -8.17
N ARG A 36 9.09 -29.80 -7.25
CA ARG A 36 9.46 -28.43 -7.59
C ARG A 36 10.74 -28.52 -8.38
N ASP A 37 11.72 -29.23 -7.83
CA ASP A 37 12.99 -29.46 -8.47
C ASP A 37 12.91 -29.99 -9.90
N ASP A 38 11.95 -30.86 -10.16
CA ASP A 38 11.86 -31.40 -11.49
C ASP A 38 11.20 -30.44 -12.46
N ILE A 39 10.16 -29.69 -12.06
CA ILE A 39 9.58 -28.67 -12.91
C ILE A 39 10.61 -27.62 -13.29
N VAL A 40 11.40 -27.19 -12.32
CA VAL A 40 12.42 -26.20 -12.59
C VAL A 40 13.47 -26.73 -13.54
N ALA A 41 13.93 -27.96 -13.33
CA ALA A 41 14.96 -28.53 -14.18
C ALA A 41 14.42 -28.74 -15.57
N LYS A 42 13.17 -29.13 -15.70
CA LYS A 42 12.53 -29.19 -17.01
C LYS A 42 12.54 -27.85 -17.70
N MET A 43 12.16 -26.76 -17.00
CA MET A 43 12.12 -25.43 -17.63
C MET A 43 13.52 -25.00 -18.04
N LYS A 44 14.54 -25.30 -17.23
CA LYS A 44 15.89 -24.92 -17.57
C LYS A 44 16.36 -25.55 -18.88
N ASP A 45 16.06 -26.84 -19.11
CA ASP A 45 16.36 -27.55 -20.34
C ASP A 45 15.58 -27.01 -21.52
N LEU A 46 14.26 -26.88 -21.48
CA LEU A 46 13.46 -26.36 -22.58
C LEU A 46 13.90 -24.95 -22.94
N ALA A 47 14.37 -24.22 -21.93
CA ALA A 47 14.80 -22.88 -22.17
C ALA A 47 16.25 -22.87 -22.58
N MET A 48 16.95 -24.00 -22.51
CA MET A 48 18.36 -24.10 -22.86
C MET A 48 19.21 -23.04 -22.22
N ASP A 49 18.94 -22.86 -20.92
CA ASP A 49 19.66 -21.88 -20.15
C ASP A 49 20.79 -22.62 -19.46
N ASP A 50 22.04 -22.46 -19.88
CA ASP A 50 23.11 -23.03 -19.09
C ASP A 50 23.77 -22.09 -18.09
N HIS A 51 22.99 -21.17 -17.54
CA HIS A 51 23.48 -20.33 -16.48
C HIS A 51 23.68 -21.26 -15.29
N LYS A 52 24.75 -21.09 -14.54
CA LYS A 52 25.01 -21.83 -13.32
C LYS A 52 24.21 -21.31 -12.13
N PHE A 53 23.02 -20.72 -12.27
CA PHE A 53 22.27 -20.27 -11.10
C PHE A 53 20.84 -20.32 -11.56
N PRO A 54 19.89 -20.75 -10.70
CA PRO A 54 18.48 -20.86 -11.04
C PRO A 54 17.87 -19.49 -11.28
N ARG A 55 17.21 -19.31 -12.42
CA ARG A 55 16.54 -18.08 -12.77
C ARG A 55 15.46 -18.38 -13.80
N LEU A 56 14.45 -17.50 -13.87
CA LEU A 56 13.43 -17.51 -14.92
C LEU A 56 14.00 -17.16 -16.29
N PRO A 57 13.59 -17.80 -17.41
CA PRO A 57 14.03 -17.46 -18.74
C PRO A 57 13.36 -16.19 -19.27
N GLY A 58 13.70 -15.07 -18.66
CA GLY A 58 13.03 -13.82 -18.94
C GLY A 58 13.88 -12.64 -18.49
N PRO A 59 13.65 -11.43 -19.02
CA PRO A 59 14.44 -10.25 -18.76
C PRO A 59 13.92 -9.45 -17.59
N ASN A 60 14.87 -8.88 -16.88
CA ASN A 60 14.59 -7.92 -15.84
C ASN A 60 14.95 -6.56 -16.37
N PRO A 61 14.02 -5.61 -16.41
CA PRO A 61 14.26 -4.25 -16.95
C PRO A 61 15.25 -3.42 -16.18
N VAL A 62 15.74 -2.41 -16.86
CA VAL A 62 16.69 -1.53 -16.26
C VAL A 62 15.98 -0.17 -16.22
N SER A 63 16.29 0.74 -15.30
CA SER A 63 15.68 2.08 -15.34
C SER A 63 16.22 2.86 -16.55
N ILE A 64 15.35 3.62 -17.20
CA ILE A 64 15.80 4.49 -18.27
C ILE A 64 16.69 5.60 -17.73
N GLU A 65 17.73 5.92 -18.45
CA GLU A 65 18.67 6.94 -18.05
C GLU A 65 18.71 7.92 -19.20
N ARG A 66 19.10 9.17 -18.96
CA ARG A 66 19.19 10.17 -20.02
C ARG A 66 20.18 9.78 -21.10
N LYS A 67 21.20 8.97 -20.79
CA LYS A 67 22.08 8.44 -21.81
C LYS A 67 21.35 7.56 -22.83
N ASP A 68 20.19 7.04 -22.52
CA ASP A 68 19.54 6.08 -23.38
C ASP A 68 18.69 6.76 -24.41
N PHE A 69 18.55 8.07 -24.32
CA PHE A 69 17.61 8.74 -25.20
C PHE A 69 17.98 8.64 -26.69
N GLU A 70 19.28 8.71 -27.01
CA GLU A 70 19.78 8.47 -28.35
C GLU A 70 19.30 7.15 -28.93
N LYS A 71 19.70 6.06 -28.24
CA LYS A 71 19.35 4.71 -28.62
C LYS A 71 17.86 4.58 -28.84
N LEU A 72 17.02 5.16 -27.95
CA LEU A 72 15.57 5.11 -28.09
C LEU A 72 15.11 5.69 -29.43
N LYS A 73 15.91 6.63 -29.95
CA LYS A 73 15.51 7.31 -31.16
C LYS A 73 16.14 6.66 -32.38
N GLN A 74 17.19 5.85 -32.26
CA GLN A 74 17.76 5.16 -33.41
C GLN A 74 17.00 3.86 -33.66
N ASN A 75 16.80 3.08 -32.60
CA ASN A 75 16.39 1.69 -32.76
C ASN A 75 14.88 1.55 -32.70
N LYS A 76 14.32 0.39 -33.02
CA LYS A 76 12.88 0.21 -32.89
C LYS A 76 12.49 -0.50 -31.59
N TYR A 77 11.45 0.07 -31.00
CA TYR A 77 10.97 -0.29 -29.67
C TYR A 77 9.47 -0.19 -29.65
N VAL A 78 8.89 -1.00 -28.77
CA VAL A 78 7.48 -0.89 -28.40
C VAL A 78 7.32 -0.47 -26.96
N VAL A 79 6.14 -0.01 -26.56
CA VAL A 79 5.90 0.47 -25.21
C VAL A 79 4.62 -0.09 -24.63
N SER A 80 4.60 -0.32 -23.33
CA SER A 80 3.41 -0.74 -22.64
C SER A 80 3.47 -0.26 -21.19
N GLU A 81 2.34 -0.38 -20.49
CA GLU A 81 2.21 -0.04 -19.08
C GLU A 81 3.03 -1.02 -18.24
N LYS A 82 3.63 -0.67 -17.11
CA LYS A 82 4.30 -1.64 -16.26
C LYS A 82 3.22 -2.12 -15.29
N THR A 83 2.59 -3.28 -15.54
CA THR A 83 1.56 -3.85 -14.70
C THR A 83 2.10 -4.10 -13.29
N ASP A 84 1.38 -3.70 -12.24
CA ASP A 84 1.82 -3.94 -10.88
C ASP A 84 1.13 -5.12 -10.20
N GLY A 85 1.87 -6.19 -10.00
CA GLY A 85 1.32 -7.48 -9.66
C GLY A 85 2.48 -8.42 -9.36
N ILE A 86 2.48 -9.71 -9.74
CA ILE A 86 3.66 -10.53 -9.48
C ILE A 86 4.15 -11.07 -10.83
N ARG A 87 5.47 -11.07 -11.03
CA ARG A 87 6.11 -11.63 -12.20
C ARG A 87 6.08 -13.14 -12.12
N PHE A 88 5.59 -13.80 -13.16
CA PHE A 88 5.61 -15.24 -13.21
C PHE A 88 5.97 -15.71 -14.60
N MET A 89 6.84 -16.69 -14.72
CA MET A 89 6.98 -17.38 -15.99
C MET A 89 5.94 -18.49 -16.04
N MET A 90 5.13 -18.63 -17.07
CA MET A 90 4.14 -19.69 -17.08
C MET A 90 4.64 -20.81 -17.95
N PHE A 91 4.59 -22.03 -17.46
CA PHE A 91 5.24 -23.14 -18.10
C PHE A 91 4.24 -24.28 -18.18
N PHE A 92 3.96 -24.74 -19.40
CA PHE A 92 3.10 -25.89 -19.66
C PHE A 92 4.00 -27.06 -19.89
N THR A 93 3.84 -28.19 -19.23
CA THR A 93 4.69 -29.34 -19.41
C THR A 93 3.88 -30.56 -19.00
N ARG A 94 4.53 -31.73 -18.94
CA ARG A 94 3.88 -32.95 -18.46
C ARG A 94 4.70 -33.51 -17.35
N VAL A 95 4.14 -33.78 -16.20
CA VAL A 95 4.93 -34.37 -15.13
C VAL A 95 4.21 -35.56 -14.55
N PHE A 96 5.03 -36.62 -14.53
CA PHE A 96 4.62 -38.00 -14.24
C PHE A 96 3.36 -38.27 -15.04
N GLY A 97 3.48 -38.19 -16.36
CA GLY A 97 2.36 -38.41 -17.25
C GLY A 97 1.28 -37.33 -17.24
N PHE A 98 1.14 -36.45 -16.24
CA PHE A 98 0.05 -35.46 -16.29
C PHE A 98 0.47 -34.13 -16.89
N LYS A 99 -0.48 -33.61 -17.63
CA LYS A 99 -0.30 -32.37 -18.34
C LYS A 99 -0.43 -31.28 -17.28
N VAL A 100 0.57 -30.43 -17.11
CA VAL A 100 0.58 -29.45 -16.05
C VAL A 100 0.81 -28.01 -16.53
N CYS A 101 0.01 -27.06 -16.03
CA CYS A 101 0.29 -25.63 -16.15
C CYS A 101 0.88 -25.12 -14.84
N THR A 102 2.08 -24.54 -14.87
CA THR A 102 2.70 -23.95 -13.71
C THR A 102 3.09 -22.50 -13.90
N ILE A 103 3.07 -21.71 -12.85
CA ILE A 103 3.62 -20.36 -12.84
C ILE A 103 4.80 -20.35 -11.90
N ILE A 104 5.99 -19.89 -12.31
CA ILE A 104 7.16 -19.85 -11.45
C ILE A 104 7.56 -18.39 -11.25
N ASP A 105 7.89 -18.04 -10.02
CA ASP A 105 8.32 -16.69 -9.72
C ASP A 105 9.83 -16.52 -9.67
N ARG A 106 10.32 -15.31 -9.40
CA ARG A 106 11.71 -14.93 -9.56
C ARG A 106 12.60 -15.63 -8.60
N ALA A 107 12.08 -16.04 -7.44
CA ALA A 107 12.91 -16.78 -6.50
C ALA A 107 12.83 -18.27 -6.81
N MET A 108 12.18 -18.68 -7.92
CA MET A 108 12.09 -20.05 -8.41
C MET A 108 11.10 -20.92 -7.66
N THR A 109 10.02 -20.34 -7.16
CA THR A 109 8.97 -21.01 -6.42
C THR A 109 7.84 -21.32 -7.37
N VAL A 110 7.32 -22.54 -7.27
CA VAL A 110 6.47 -23.10 -8.31
C VAL A 110 5.07 -23.25 -7.76
N TYR A 111 4.02 -22.81 -8.43
CA TYR A 111 2.65 -23.08 -8.04
C TYR A 111 1.91 -23.73 -9.22
N LEU A 112 0.88 -24.57 -9.05
CA LEU A 112 0.07 -25.03 -10.17
C LEU A 112 -0.96 -23.99 -10.46
N LEU A 113 -1.30 -23.70 -11.70
CA LEU A 113 -2.39 -22.79 -12.00
C LEU A 113 -3.14 -23.47 -13.11
N PRO A 114 -4.19 -24.25 -12.82
CA PRO A 114 -4.83 -25.07 -13.83
C PRO A 114 -5.99 -24.42 -14.52
N PHE A 115 -6.08 -24.60 -15.83
CA PHE A 115 -7.16 -24.10 -16.62
C PHE A 115 -7.89 -25.31 -17.18
N LYS A 116 -9.17 -25.17 -17.52
CA LYS A 116 -9.92 -26.27 -18.08
C LYS A 116 -9.46 -26.60 -19.50
N ASN A 117 -9.42 -25.57 -20.32
CA ASN A 117 -9.38 -25.75 -21.75
C ASN A 117 -8.02 -25.52 -22.39
N ILE A 118 -6.88 -25.82 -21.78
CA ILE A 118 -5.61 -25.56 -22.47
C ILE A 118 -5.41 -26.62 -23.57
N PRO A 119 -5.13 -26.28 -24.84
CA PRO A 119 -4.87 -27.26 -25.89
C PRO A 119 -3.68 -28.17 -25.62
N ARG A 120 -3.78 -29.48 -25.84
CA ARG A 120 -2.70 -30.40 -25.49
C ARG A 120 -1.33 -30.19 -26.10
N VAL A 121 -1.27 -29.45 -27.21
CA VAL A 121 0.01 -29.02 -27.80
C VAL A 121 0.85 -28.18 -26.87
N LEU A 122 0.23 -27.31 -26.07
CA LEU A 122 0.96 -26.44 -25.18
C LEU A 122 1.82 -27.28 -24.26
N PHE A 123 1.25 -28.37 -23.78
CA PHE A 123 1.95 -29.30 -22.90
C PHE A 123 3.13 -30.05 -23.48
N GLN A 124 3.46 -29.86 -24.75
CA GLN A 124 4.72 -30.37 -25.23
C GLN A 124 5.85 -29.42 -24.85
N GLY A 125 5.57 -28.22 -24.32
CA GLY A 125 6.60 -27.39 -23.74
C GLY A 125 6.38 -25.94 -24.16
N SER A 126 5.48 -25.24 -23.50
CA SER A 126 5.37 -23.81 -23.65
C SER A 126 5.94 -23.00 -22.45
N ILE A 127 6.73 -21.95 -22.67
CA ILE A 127 7.27 -21.09 -21.64
C ILE A 127 6.84 -19.70 -22.09
N PHE A 128 5.79 -19.11 -21.49
CA PHE A 128 5.30 -17.77 -21.77
C PHE A 128 5.67 -16.82 -20.62
N ASP A 129 5.91 -15.54 -20.84
CA ASP A 129 6.32 -14.66 -19.76
C ASP A 129 5.21 -13.70 -19.39
N GLY A 130 4.97 -13.49 -18.09
CA GLY A 130 3.87 -12.62 -17.71
C GLY A 130 3.83 -12.14 -16.26
N GLU A 131 2.67 -11.55 -15.97
CA GLU A 131 2.37 -10.92 -14.69
C GLU A 131 1.02 -11.42 -14.19
N LEU A 132 0.95 -11.92 -12.94
CA LEU A 132 -0.31 -12.30 -12.34
C LEU A 132 -0.71 -11.01 -11.68
N CYS A 133 -1.93 -10.57 -11.90
CA CYS A 133 -2.36 -9.28 -11.45
C CYS A 133 -3.87 -9.20 -11.31
N VAL A 134 -4.46 -8.11 -10.84
CA VAL A 134 -5.89 -8.05 -10.50
C VAL A 134 -6.59 -7.11 -11.48
N ASP A 135 -7.77 -7.45 -11.96
CA ASP A 135 -8.50 -6.59 -12.85
C ASP A 135 -9.36 -5.69 -11.98
N ILE A 136 -9.08 -4.38 -11.99
CA ILE A 136 -9.75 -3.39 -11.15
C ILE A 136 -11.25 -3.39 -11.40
N VAL A 137 -11.58 -3.44 -12.69
CA VAL A 137 -12.97 -3.39 -13.11
C VAL A 137 -13.73 -4.65 -12.73
N GLU A 138 -13.09 -5.81 -12.75
CA GLU A 138 -13.83 -7.05 -12.60
C GLU A 138 -13.64 -7.69 -11.27
N LYS A 139 -12.66 -7.23 -10.51
CA LYS A 139 -12.29 -7.77 -9.22
C LYS A 139 -11.98 -9.25 -9.32
N LYS A 140 -11.38 -9.62 -10.46
CA LYS A 140 -10.93 -10.97 -10.73
C LYS A 140 -9.45 -10.89 -11.07
N PHE A 141 -8.71 -11.95 -10.83
CA PHE A 141 -7.32 -12.00 -11.22
C PHE A 141 -7.20 -12.17 -12.71
N ALA A 142 -6.12 -11.63 -13.24
CA ALA A 142 -5.79 -11.68 -14.65
C ALA A 142 -4.36 -12.15 -14.75
N PHE A 143 -4.02 -12.90 -15.80
CA PHE A 143 -2.63 -13.24 -16.06
C PHE A 143 -2.34 -12.61 -17.42
N VAL A 144 -1.37 -11.72 -17.47
CA VAL A 144 -1.12 -10.92 -18.66
C VAL A 144 0.20 -11.36 -19.25
N LEU A 145 0.15 -11.86 -20.48
CA LEU A 145 1.30 -12.44 -21.16
C LEU A 145 2.10 -11.38 -21.90
N PHE A 146 3.39 -11.28 -21.59
CA PHE A 146 4.24 -10.24 -22.15
C PHE A 146 4.95 -10.66 -23.43
N ASP A 147 5.29 -11.94 -23.50
CA ASP A 147 6.23 -12.49 -24.46
C ASP A 147 6.30 -14.03 -24.35
N ALA A 148 6.86 -14.75 -25.35
CA ALA A 148 7.00 -16.21 -25.34
C ALA A 148 8.43 -16.60 -25.60
N VAL A 149 8.84 -17.75 -25.07
CA VAL A 149 10.20 -18.22 -25.21
C VAL A 149 10.21 -19.53 -26.00
N VAL A 150 9.30 -20.46 -25.69
CA VAL A 150 9.18 -21.75 -26.34
C VAL A 150 7.67 -21.94 -26.42
N VAL A 151 7.10 -22.32 -27.55
CA VAL A 151 5.67 -22.60 -27.74
C VAL A 151 5.54 -23.99 -28.37
N SER A 152 4.82 -24.91 -27.72
CA SER A 152 4.67 -26.30 -28.12
C SER A 152 5.95 -26.99 -28.59
N GLY A 153 7.04 -26.80 -27.87
CA GLY A 153 8.27 -27.46 -28.21
C GLY A 153 9.10 -26.67 -29.19
N VAL A 154 8.56 -25.65 -29.86
CA VAL A 154 9.33 -24.85 -30.79
C VAL A 154 10.00 -23.71 -30.04
N THR A 155 11.33 -23.63 -30.03
CA THR A 155 12.02 -22.50 -29.45
C THR A 155 11.80 -21.22 -30.25
N VAL A 156 10.96 -20.31 -29.74
CA VAL A 156 10.75 -19.06 -30.44
C VAL A 156 11.69 -17.94 -29.97
N SER A 157 12.56 -18.15 -28.98
CA SER A 157 13.27 -17.05 -28.37
C SER A 157 14.21 -16.16 -29.20
N GLN A 158 14.79 -16.69 -30.28
CA GLN A 158 15.74 -15.94 -31.12
C GLN A 158 15.11 -15.17 -32.26
N MET A 159 13.83 -15.39 -32.48
CA MET A 159 13.09 -14.68 -33.50
C MET A 159 12.76 -13.30 -32.91
N ASP A 160 12.09 -12.45 -33.68
CA ASP A 160 11.81 -11.10 -33.26
C ASP A 160 10.45 -11.05 -32.57
N LEU A 161 10.07 -9.97 -31.86
CA LEU A 161 8.91 -9.97 -30.99
C LEU A 161 7.60 -10.37 -31.63
N ALA A 162 7.32 -9.83 -32.80
CA ALA A 162 6.14 -10.16 -33.57
C ALA A 162 6.08 -11.62 -33.92
N SER A 163 7.18 -12.31 -34.20
CA SER A 163 7.13 -13.74 -34.45
C SER A 163 6.77 -14.46 -33.16
N ARG A 164 7.38 -14.12 -32.01
CA ARG A 164 7.04 -14.73 -30.71
C ARG A 164 5.57 -14.66 -30.33
N PHE A 165 4.98 -13.47 -30.53
CA PHE A 165 3.54 -13.30 -30.33
C PHE A 165 2.72 -14.04 -31.35
N PHE A 166 3.15 -14.11 -32.60
CA PHE A 166 2.47 -14.91 -33.60
C PHE A 166 2.39 -16.36 -33.13
N ALA A 167 3.51 -16.97 -32.73
CA ALA A 167 3.58 -18.33 -32.23
C ALA A 167 2.68 -18.50 -31.01
N MET A 168 2.82 -17.63 -30.00
CA MET A 168 1.99 -17.73 -28.80
C MET A 168 0.52 -17.64 -29.10
N LYS A 169 0.08 -16.60 -29.79
CA LYS A 169 -1.33 -16.41 -30.10
C LYS A 169 -1.93 -17.53 -30.92
N ARG A 170 -1.10 -18.13 -31.79
CA ARG A 170 -1.53 -19.27 -32.60
C ARG A 170 -1.98 -20.42 -31.73
N SER A 171 -1.17 -20.77 -30.73
CA SER A 171 -1.42 -21.94 -29.90
C SER A 171 -2.70 -21.79 -29.12
N LEU A 172 -2.90 -20.57 -28.59
CA LEU A 172 -4.00 -20.30 -27.68
C LEU A 172 -5.25 -19.88 -28.41
N LYS A 173 -5.16 -19.75 -29.74
CA LYS A 173 -6.26 -19.31 -30.57
C LYS A 173 -7.56 -20.06 -30.28
N GLU A 174 -7.50 -21.34 -29.93
CA GLU A 174 -8.73 -22.07 -29.66
C GLU A 174 -9.05 -22.18 -28.18
N PHE A 175 -8.26 -21.50 -27.32
CA PHE A 175 -8.52 -21.53 -25.89
C PHE A 175 -9.64 -20.58 -25.54
N LYS A 176 -10.59 -21.04 -24.73
CA LYS A 176 -11.44 -20.12 -24.00
C LYS A 176 -11.44 -20.30 -22.49
N ASN A 177 -11.38 -19.12 -21.87
CA ASN A 177 -11.50 -19.07 -20.43
C ASN A 177 -12.90 -19.46 -20.00
N VAL A 178 -13.00 -19.99 -18.80
CA VAL A 178 -14.30 -20.35 -18.27
C VAL A 178 -14.28 -19.76 -16.86
N PRO A 179 -15.45 -19.29 -16.36
CA PRO A 179 -15.62 -18.69 -15.04
C PRO A 179 -14.86 -19.32 -13.85
N GLU A 180 -14.69 -20.64 -13.84
CA GLU A 180 -14.00 -21.28 -12.76
C GLU A 180 -12.50 -21.20 -13.01
N ASP A 181 -11.98 -20.68 -14.14
CA ASP A 181 -10.53 -20.63 -14.33
C ASP A 181 -9.95 -19.64 -13.32
N PRO A 182 -8.78 -19.90 -12.75
CA PRO A 182 -8.22 -19.10 -11.67
C PRO A 182 -7.70 -17.75 -12.12
N ALA A 183 -7.56 -17.46 -13.42
CA ALA A 183 -7.06 -16.18 -13.88
C ALA A 183 -7.61 -16.01 -15.27
N ILE A 184 -7.85 -14.77 -15.60
CA ILE A 184 -8.16 -14.40 -16.97
C ILE A 184 -6.84 -14.26 -17.71
N LEU A 185 -6.57 -15.17 -18.67
CA LEU A 185 -5.41 -15.06 -19.58
C LEU A 185 -5.60 -13.89 -20.50
N ARG A 186 -4.71 -12.90 -20.48
CA ARG A 186 -4.79 -11.79 -21.43
C ARG A 186 -3.42 -11.47 -22.03
N TYR A 187 -3.33 -10.77 -23.17
CA TYR A 187 -2.05 -10.52 -23.86
C TYR A 187 -1.57 -9.07 -23.68
N LYS A 188 -0.30 -8.77 -23.38
CA LYS A 188 0.18 -7.40 -23.35
C LYS A 188 0.08 -6.75 -24.73
N GLU A 189 -0.70 -5.67 -24.87
CA GLU A 189 -0.68 -4.91 -26.10
C GLU A 189 0.48 -3.94 -26.07
N TRP A 190 1.46 -4.21 -26.95
CA TRP A 190 2.66 -3.41 -27.18
C TRP A 190 2.46 -2.39 -28.31
N ILE A 191 2.72 -1.11 -28.06
CA ILE A 191 2.42 -0.02 -28.98
C ILE A 191 3.78 0.51 -29.45
N PRO A 192 4.02 0.87 -30.72
CA PRO A 192 5.32 1.39 -31.16
C PRO A 192 5.71 2.74 -30.60
N LEU A 193 6.96 2.82 -30.20
CA LEU A 193 7.47 3.98 -29.52
C LEU A 193 7.40 5.24 -30.38
N GLU A 194 6.99 5.17 -31.63
CA GLU A 194 6.83 6.37 -32.44
C GLU A 194 5.37 6.75 -32.42
N HIS A 195 4.50 6.11 -31.65
CA HIS A 195 3.11 6.46 -31.71
C HIS A 195 2.58 7.31 -30.54
N PRO A 196 3.21 8.37 -29.98
CA PRO A 196 2.83 9.04 -28.71
C PRO A 196 1.35 9.20 -28.34
N THR A 197 0.54 9.66 -29.29
CA THR A 197 -0.89 9.81 -29.07
C THR A 197 -1.56 8.44 -28.90
N ILE A 198 -1.07 7.41 -29.59
CA ILE A 198 -1.64 6.05 -29.52
C ILE A 198 -1.18 5.45 -28.20
N ILE A 199 0.08 5.71 -27.86
CA ILE A 199 0.62 5.32 -26.56
C ILE A 199 -0.24 5.91 -25.47
N LYS A 200 -0.47 7.23 -25.45
CA LYS A 200 -1.14 7.86 -24.32
C LYS A 200 -2.53 7.34 -24.10
N ASP A 201 -3.21 7.19 -25.23
CA ASP A 201 -4.52 6.59 -25.24
C ASP A 201 -4.51 5.15 -24.74
N HIS A 202 -3.55 4.33 -25.14
CA HIS A 202 -3.48 2.96 -24.65
C HIS A 202 -3.22 3.01 -23.16
N LEU A 203 -2.25 3.80 -22.71
CA LEU A 203 -1.96 3.97 -21.30
C LEU A 203 -3.22 4.37 -20.50
N LYS A 204 -4.03 5.32 -20.96
CA LYS A 204 -5.29 5.70 -20.32
C LYS A 204 -6.24 4.51 -20.26
N LYS A 205 -6.41 3.70 -21.30
CA LYS A 205 -7.32 2.56 -21.22
C LYS A 205 -6.75 1.53 -20.26
N ALA A 206 -5.44 1.29 -20.33
CA ALA A 206 -4.77 0.28 -19.51
C ALA A 206 -4.96 0.60 -18.06
N ASN A 207 -4.89 1.88 -17.73
CA ASN A 207 -4.95 2.21 -16.32
C ASN A 207 -6.39 2.14 -15.84
N ALA A 208 -7.40 1.98 -16.68
CA ALA A 208 -8.75 1.77 -16.19
C ALA A 208 -8.91 0.37 -15.62
N ILE A 209 -8.05 -0.57 -16.02
CA ILE A 209 -8.27 -1.98 -15.76
C ILE A 209 -7.26 -2.56 -14.79
N TYR A 210 -6.04 -2.01 -14.77
CA TYR A 210 -4.91 -2.54 -14.04
C TYR A 210 -4.30 -1.48 -13.17
N HIS A 211 -3.52 -1.98 -12.20
CA HIS A 211 -2.62 -1.19 -11.39
C HIS A 211 -1.32 -1.22 -12.14
N THR A 212 -0.81 -0.04 -12.47
CA THR A 212 0.39 0.11 -13.28
C THR A 212 1.46 0.87 -12.53
N ASP A 213 2.73 0.66 -12.84
CA ASP A 213 3.79 1.36 -12.15
C ASP A 213 4.66 2.10 -13.18
N GLY A 214 4.05 2.78 -14.14
CA GLY A 214 4.75 3.50 -15.18
C GLY A 214 4.62 2.77 -16.51
N LEU A 215 5.73 2.58 -17.22
CA LEU A 215 5.74 1.98 -18.56
C LEU A 215 6.99 1.15 -18.73
N ILE A 216 6.92 0.23 -19.69
CA ILE A 216 8.03 -0.65 -20.10
C ILE A 216 8.25 -0.40 -21.58
N ILE A 217 9.50 -0.21 -21.96
CA ILE A 217 9.89 0.04 -23.34
C ILE A 217 10.70 -1.19 -23.75
N MET A 218 10.34 -1.92 -24.81
CA MET A 218 11.07 -3.12 -25.23
C MET A 218 11.42 -3.11 -26.74
N SER A 219 12.62 -3.51 -27.10
CA SER A 219 13.08 -3.80 -28.45
C SER A 219 12.18 -4.73 -29.23
N VAL A 220 11.83 -4.23 -30.40
CA VAL A 220 10.98 -4.95 -31.31
C VAL A 220 11.66 -6.18 -31.90
N ASP A 221 13.00 -6.21 -31.93
CA ASP A 221 13.63 -7.23 -32.73
C ASP A 221 14.69 -8.08 -32.13
N GLU A 222 15.28 -7.64 -31.01
CA GLU A 222 16.21 -8.49 -30.28
C GLU A 222 15.56 -9.82 -29.86
N PRO A 223 16.27 -10.94 -29.75
CA PRO A 223 15.77 -12.16 -29.13
C PRO A 223 15.63 -11.98 -27.63
N VAL A 224 14.98 -12.95 -26.97
CA VAL A 224 14.76 -12.96 -25.53
C VAL A 224 16.09 -12.96 -24.79
N ILE A 225 16.25 -12.02 -23.83
CA ILE A 225 17.30 -12.06 -22.84
C ILE A 225 16.75 -12.69 -21.56
N TYR A 226 17.59 -13.42 -20.84
CA TYR A 226 17.23 -14.08 -19.60
C TYR A 226 18.02 -13.26 -18.60
N GLY A 227 17.44 -12.72 -17.55
CA GLY A 227 18.23 -11.91 -16.63
C GLY A 227 18.15 -10.41 -16.94
N ARG A 228 19.09 -9.65 -16.40
CA ARG A 228 19.05 -8.19 -16.49
C ARG A 228 19.22 -7.81 -17.93
N ASN A 229 18.28 -7.07 -18.46
CA ASN A 229 18.38 -6.74 -19.85
C ASN A 229 18.55 -5.25 -19.89
N PHE A 230 19.78 -4.86 -20.13
CA PHE A 230 20.14 -3.47 -20.25
C PHE A 230 19.49 -2.72 -21.39
N ASN A 231 18.68 -3.37 -22.22
CA ASN A 231 17.97 -2.69 -23.27
C ASN A 231 16.47 -2.90 -23.08
N LEU A 232 16.00 -3.24 -21.87
CA LEU A 232 14.58 -3.26 -21.54
C LEU A 232 14.52 -2.16 -20.50
N PHE A 233 13.72 -1.13 -20.71
CA PHE A 233 13.73 0.04 -19.84
C PHE A 233 12.39 0.14 -19.16
N LYS A 234 12.46 0.47 -17.89
CA LYS A 234 11.24 0.82 -17.18
C LYS A 234 11.27 2.30 -16.83
N LEU A 235 10.09 2.89 -16.72
CA LEU A 235 9.99 4.26 -16.25
C LEU A 235 8.89 4.39 -15.19
N LYS A 236 9.27 4.83 -13.98
CA LYS A 236 8.32 5.14 -12.94
C LYS A 236 7.76 6.54 -13.15
N PRO A 237 6.46 6.78 -13.01
CA PRO A 237 5.84 8.08 -13.12
C PRO A 237 6.40 8.95 -12.01
N GLY A 238 6.96 10.10 -12.36
CA GLY A 238 7.44 11.05 -11.39
C GLY A 238 8.63 10.49 -10.67
N THR A 239 8.80 11.04 -9.49
CA THR A 239 9.95 10.76 -8.67
C THR A 239 9.61 9.83 -7.52
N HIS A 240 8.56 9.02 -7.68
CA HIS A 240 8.14 8.17 -6.58
C HIS A 240 8.93 6.88 -6.46
N HIS A 241 10.23 6.99 -6.25
CA HIS A 241 11.05 5.85 -5.91
C HIS A 241 11.07 5.80 -4.38
N THR A 242 11.13 4.62 -3.78
CA THR A 242 11.21 4.55 -2.33
C THR A 242 12.42 3.69 -2.03
N ILE A 243 12.98 3.64 -0.81
CA ILE A 243 14.00 2.66 -0.43
C ILE A 243 13.62 2.09 0.92
N ASP A 244 13.93 0.80 1.16
CA ASP A 244 13.84 0.14 2.46
C ASP A 244 15.20 0.13 3.09
N PHE A 245 15.19 0.79 4.22
CA PHE A 245 16.35 0.91 5.06
C PHE A 245 16.12 0.10 6.33
N ILE A 246 17.22 -0.32 6.94
CA ILE A 246 17.24 -0.87 8.26
C ILE A 246 17.62 0.19 9.28
N ILE A 247 16.89 0.16 10.40
CA ILE A 247 17.16 1.05 11.50
C ILE A 247 18.31 0.46 12.25
N MET A 248 19.38 1.23 12.28
CA MET A 248 20.60 0.84 12.95
C MET A 248 20.78 1.48 14.33
N SER A 249 19.87 2.37 14.74
CA SER A 249 19.96 3.08 16.01
C SER A 249 18.56 3.50 16.35
N GLU A 250 18.26 3.58 17.63
CA GLU A 250 16.95 4.10 18.00
C GLU A 250 16.79 5.57 17.62
N ASP A 251 17.92 6.29 17.38
CA ASP A 251 17.87 7.67 16.87
C ASP A 251 17.64 7.75 15.36
N GLY A 252 17.04 6.72 14.76
CA GLY A 252 16.78 6.66 13.33
C GLY A 252 17.99 6.73 12.41
N THR A 253 19.15 6.15 12.70
CA THR A 253 20.19 5.97 11.70
C THR A 253 19.77 4.82 10.81
N ILE A 254 19.47 5.17 9.56
CA ILE A 254 19.17 4.22 8.52
C ILE A 254 20.40 3.67 7.79
N GLY A 255 20.41 2.39 7.51
CA GLY A 255 21.52 1.76 6.82
C GLY A 255 21.02 0.98 5.62
N ILE A 256 21.91 0.56 4.73
CA ILE A 256 21.55 -0.17 3.50
C ILE A 256 22.44 -1.41 3.47
N PHE A 257 21.98 -2.52 2.92
CA PHE A 257 22.73 -3.76 3.04
C PHE A 257 23.84 -3.92 1.99
N ASP A 258 25.03 -4.33 2.40
CA ASP A 258 26.05 -4.68 1.46
C ASP A 258 26.10 -6.19 1.38
N PRO A 259 25.50 -6.81 0.37
CA PRO A 259 25.35 -8.27 0.28
C PRO A 259 26.62 -9.06 0.26
N ASN A 260 27.76 -8.43 -0.05
CA ASN A 260 28.99 -9.19 0.04
C ASN A 260 29.87 -8.89 1.21
N LEU A 261 29.55 -7.86 1.99
CA LEU A 261 30.13 -7.79 3.31
C LEU A 261 29.13 -8.50 4.22
N ARG A 262 27.83 -8.51 3.86
CA ARG A 262 26.73 -9.03 4.68
C ARG A 262 26.73 -8.19 5.94
N LYS A 263 26.81 -6.87 5.75
CA LYS A 263 26.92 -5.87 6.80
C LYS A 263 26.16 -4.69 6.26
N ASN A 264 25.35 -4.08 7.13
CA ASN A 264 24.53 -2.94 6.78
C ASN A 264 25.46 -1.75 6.91
N VAL A 265 25.33 -0.71 6.09
CA VAL A 265 26.29 0.39 6.13
C VAL A 265 25.47 1.63 6.42
N PRO A 266 25.81 2.53 7.37
CA PRO A 266 25.07 3.74 7.70
C PRO A 266 25.06 4.74 6.56
N VAL A 267 23.92 5.30 6.23
CA VAL A 267 23.81 6.07 5.03
C VAL A 267 23.15 7.43 5.26
N GLY A 268 22.45 7.60 6.39
CA GLY A 268 21.60 8.76 6.63
C GLY A 268 21.04 8.66 8.05
N LYS A 269 19.97 9.40 8.37
CA LYS A 269 19.45 9.51 9.72
C LYS A 269 18.07 10.09 9.53
N LEU A 270 17.11 9.53 10.24
CA LEU A 270 15.75 10.02 10.20
C LEU A 270 15.38 10.81 11.45
N ASP A 271 14.43 11.74 11.33
CA ASP A 271 13.91 12.49 12.46
C ASP A 271 12.77 11.74 13.08
N GLY A 272 12.99 11.20 14.24
CA GLY A 272 11.92 10.53 14.98
C GLY A 272 12.54 9.45 15.84
N TYR A 273 11.69 8.68 16.50
CA TYR A 273 12.15 7.60 17.37
C TYR A 273 11.89 6.34 16.59
N TYR A 274 12.83 5.40 16.57
CA TYR A 274 12.64 4.25 15.75
C TYR A 274 13.20 3.03 16.43
N ASN A 275 12.60 1.89 16.11
CA ASN A 275 13.03 0.67 16.70
C ASN A 275 14.20 0.05 15.94
N LYS A 276 15.36 -0.07 16.58
CA LYS A 276 16.53 -0.62 15.93
C LYS A 276 16.25 -2.01 15.37
N GLY A 277 16.64 -2.19 14.10
CA GLY A 277 16.48 -3.45 13.41
C GLY A 277 15.23 -3.49 12.58
N SER A 278 14.30 -2.56 12.71
CA SER A 278 13.19 -2.55 11.78
C SER A 278 13.60 -2.07 10.40
N ILE A 279 12.71 -2.28 9.45
CA ILE A 279 12.89 -1.87 8.08
C ILE A 279 11.83 -0.81 7.81
N VAL A 280 12.28 0.37 7.37
CA VAL A 280 11.36 1.46 7.07
C VAL A 280 11.39 1.81 5.60
N GLU A 281 10.24 2.02 4.98
CA GLU A 281 10.18 2.43 3.61
C GLU A 281 10.13 3.94 3.67
N CYS A 282 11.18 4.50 3.06
CA CYS A 282 11.38 5.94 2.92
C CYS A 282 11.45 6.45 1.48
N GLY A 283 11.15 7.72 1.28
CA GLY A 283 11.20 8.42 0.01
C GLY A 283 12.19 9.56 0.19
N PHE A 284 12.76 10.12 -0.85
CA PHE A 284 13.75 11.16 -0.71
C PHE A 284 13.02 12.46 -0.99
N ALA A 285 13.27 13.46 -0.17
CA ALA A 285 12.66 14.76 -0.37
C ALA A 285 13.64 15.72 0.24
N ASP A 286 13.98 16.64 -0.65
CA ASP A 286 14.83 17.78 -0.35
C ASP A 286 16.07 17.45 0.46
N GLY A 287 16.89 16.53 -0.06
CA GLY A 287 18.16 16.21 0.59
C GLY A 287 18.11 15.07 1.60
N THR A 288 16.97 14.77 2.25
CA THR A 288 16.94 13.69 3.19
C THR A 288 15.90 12.67 2.75
N TRP A 289 16.08 11.49 3.34
CA TRP A 289 15.06 10.45 3.23
C TRP A 289 13.96 10.68 4.25
N LYS A 290 12.70 10.46 3.88
CA LYS A 290 11.59 10.68 4.78
C LYS A 290 10.80 9.40 5.01
N TYR A 291 10.36 9.11 6.24
CA TYR A 291 9.57 7.93 6.58
C TYR A 291 8.25 7.89 5.82
N ILE A 292 7.89 6.75 5.24
CA ILE A 292 6.56 6.54 4.67
C ILE A 292 5.83 5.45 5.44
N GLN A 293 6.40 4.25 5.52
CA GLN A 293 5.83 3.22 6.37
C GLN A 293 6.86 2.26 6.85
N GLY A 294 6.65 1.72 8.05
CA GLY A 294 7.50 0.67 8.55
C GLY A 294 7.07 -0.63 7.90
N ARG A 295 7.96 -1.58 7.67
CA ARG A 295 7.57 -2.78 6.97
C ARG A 295 7.63 -3.95 7.95
N SER A 296 6.56 -4.53 8.50
CA SER A 296 6.77 -5.59 9.49
C SER A 296 7.11 -6.88 8.76
N ASP A 297 6.77 -6.95 7.47
CA ASP A 297 7.03 -8.11 6.64
C ASP A 297 8.45 -8.29 6.13
N LYS A 298 9.43 -7.46 6.48
CA LYS A 298 10.75 -7.55 5.86
C LYS A 298 11.70 -7.62 7.01
N ASN A 299 12.87 -8.23 6.88
CA ASN A 299 13.88 -8.20 7.92
C ASN A 299 15.21 -7.70 7.35
N GLN A 300 15.18 -7.08 6.18
CA GLN A 300 16.43 -6.81 5.47
C GLN A 300 16.20 -5.53 4.69
N ALA A 301 17.17 -4.62 4.67
CA ALA A 301 17.14 -3.48 3.75
C ALA A 301 17.47 -3.86 2.33
N ASN A 302 17.19 -2.89 1.48
CA ASN A 302 17.63 -2.91 0.10
C ASN A 302 19.14 -2.85 0.06
N ASP A 303 19.72 -3.43 -0.98
CA ASP A 303 21.18 -3.44 -1.10
C ASP A 303 21.76 -2.15 -1.68
N ARG A 304 23.09 -1.97 -1.63
CA ARG A 304 23.70 -0.76 -2.17
C ARG A 304 23.42 -0.41 -3.61
N LEU A 305 23.57 -1.39 -4.48
CA LEU A 305 23.20 -1.28 -5.85
C LEU A 305 21.84 -0.68 -6.06
N THR A 306 20.80 -1.18 -5.39
CA THR A 306 19.48 -0.62 -5.55
C THR A 306 19.45 0.83 -5.09
N TYR A 307 20.14 1.12 -4.00
CA TYR A 307 20.17 2.45 -3.47
C TYR A 307 20.90 3.35 -4.49
N GLU A 308 22.12 3.03 -4.93
CA GLU A 308 22.89 3.85 -5.84
C GLU A 308 22.07 4.15 -7.07
N LYS A 309 21.42 3.17 -7.64
CA LYS A 309 20.67 3.41 -8.85
C LYS A 309 19.46 4.27 -8.59
N THR A 310 18.77 4.12 -7.45
CA THR A 310 17.57 4.92 -7.18
C THR A 310 17.91 6.40 -6.99
N LEU A 311 19.07 6.69 -6.41
CA LEU A 311 19.51 8.04 -6.24
C LEU A 311 19.75 8.76 -7.57
N LEU A 312 20.39 8.04 -8.49
CA LEU A 312 20.57 8.49 -9.86
C LEU A 312 19.27 8.77 -10.53
N ASN A 313 18.28 7.90 -10.29
CA ASN A 313 17.01 8.14 -10.93
C ASN A 313 16.30 9.30 -10.32
N ILE A 314 16.48 9.52 -9.01
CA ILE A 314 15.84 10.63 -8.31
C ILE A 314 16.38 11.93 -8.83
N GLU A 315 17.70 11.98 -8.92
CA GLU A 315 18.44 13.07 -9.51
C GLU A 315 18.08 13.33 -10.96
N GLU A 316 18.14 12.33 -11.86
CA GLU A 316 17.79 12.59 -13.24
C GLU A 316 16.39 13.03 -13.53
N ASN A 317 15.39 12.57 -12.80
CA ASN A 317 14.03 13.08 -12.89
C ASN A 317 13.47 13.13 -14.29
N ILE A 318 13.58 11.93 -14.87
CA ILE A 318 12.90 11.69 -16.14
C ILE A 318 11.42 11.53 -15.82
N THR A 319 10.51 12.07 -16.61
CA THR A 319 9.08 11.91 -16.38
C THR A 319 8.44 11.23 -17.60
N ILE A 320 7.21 10.75 -17.55
CA ILE A 320 6.57 10.08 -18.67
C ILE A 320 6.28 11.06 -19.78
N ASP A 321 5.97 12.30 -19.40
CA ASP A 321 5.69 13.35 -20.38
C ASP A 321 6.97 13.85 -21.03
N GLU A 322 8.09 13.96 -20.33
CA GLU A 322 9.35 14.20 -20.99
C GLU A 322 9.56 13.09 -22.01
N LEU A 323 9.54 11.82 -21.58
CA LEU A 323 9.77 10.68 -22.43
C LEU A 323 8.82 10.69 -23.62
N LEU A 324 7.49 10.72 -23.47
CA LEU A 324 6.61 10.69 -24.63
C LEU A 324 6.62 11.92 -25.56
N ASP A 325 7.44 12.93 -25.26
CA ASP A 325 7.54 14.16 -26.04
C ASP A 325 8.78 14.04 -26.90
N LEU A 326 9.69 13.08 -26.65
CA LEU A 326 10.78 12.79 -27.57
C LEU A 326 10.29 12.26 -28.92
N PHE A 327 8.97 12.09 -29.11
CA PHE A 327 8.38 11.38 -30.22
C PHE A 327 7.15 12.10 -30.78
N ASN B 11 -29.48 -9.70 10.59
CA ASN B 11 -28.43 -10.38 9.85
C ASN B 11 -27.62 -9.29 9.20
N ILE B 12 -26.33 -9.54 9.21
CA ILE B 12 -25.37 -8.62 8.66
C ILE B 12 -25.14 -9.20 7.25
N THR B 13 -25.35 -8.43 6.19
CA THR B 13 -24.94 -8.80 4.84
C THR B 13 -23.46 -8.47 4.79
N THR B 14 -22.56 -9.45 4.78
CA THR B 14 -21.17 -9.09 4.71
C THR B 14 -20.57 -9.49 3.40
N GLU B 15 -19.26 -9.25 3.31
CA GLU B 15 -18.49 -9.53 2.12
C GLU B 15 -17.09 -9.49 2.68
N ARG B 16 -16.27 -10.37 2.14
CA ARG B 16 -14.91 -10.61 2.58
C ARG B 16 -14.01 -9.50 2.05
N ALA B 17 -13.13 -8.98 2.89
CA ALA B 17 -12.23 -7.86 2.57
C ALA B 17 -10.94 -8.16 3.29
N VAL B 18 -9.79 -7.69 2.77
CA VAL B 18 -8.49 -8.02 3.35
C VAL B 18 -7.76 -6.71 3.47
N LEU B 19 -7.15 -6.40 4.60
CA LEU B 19 -6.44 -5.15 4.77
C LEU B 19 -4.98 -5.47 4.96
N THR B 20 -4.12 -4.63 4.42
CA THR B 20 -2.71 -4.73 4.64
C THR B 20 -2.29 -3.46 5.38
N LEU B 21 -1.55 -3.66 6.46
CA LEU B 21 -0.93 -2.59 7.21
C LEU B 21 0.49 -3.01 7.42
N ASN B 22 1.44 -2.15 7.09
CA ASN B 22 2.84 -2.38 7.36
C ASN B 22 3.34 -3.70 6.87
N GLY B 23 2.74 -4.13 5.77
CA GLY B 23 3.09 -5.34 5.09
C GLY B 23 2.30 -6.54 5.58
N LEU B 24 1.43 -6.40 6.57
CA LEU B 24 0.74 -7.52 7.17
C LEU B 24 -0.70 -7.44 6.76
N GLN B 25 -1.34 -8.55 6.39
CA GLN B 25 -2.75 -8.55 6.06
C GLN B 25 -3.69 -8.87 7.22
N ILE B 26 -4.96 -8.45 7.22
CA ILE B 26 -5.94 -8.94 8.18
C ILE B 26 -7.21 -9.14 7.37
N LYS B 27 -7.88 -10.27 7.58
CA LYS B 27 -9.09 -10.55 6.82
C LYS B 27 -10.29 -10.18 7.66
N LEU B 28 -11.20 -9.38 7.12
CA LEU B 28 -12.35 -8.90 7.85
C LEU B 28 -13.61 -9.19 7.07
N HIS B 29 -14.81 -8.92 7.61
CA HIS B 29 -16.05 -9.06 6.89
C HIS B 29 -16.51 -7.65 6.74
N LYS B 30 -16.59 -7.13 5.55
CA LYS B 30 -17.04 -5.79 5.37
C LYS B 30 -18.54 -5.89 5.46
N VAL B 31 -19.18 -4.91 6.09
CA VAL B 31 -20.62 -4.91 6.21
C VAL B 31 -21.15 -4.09 5.07
N VAL B 32 -22.07 -4.69 4.29
CA VAL B 32 -22.47 -4.09 3.04
C VAL B 32 -23.94 -3.80 3.01
N GLY B 33 -24.29 -2.97 2.04
CA GLY B 33 -25.66 -2.72 1.67
C GLY B 33 -26.42 -2.09 2.80
N GLU B 34 -27.68 -2.48 2.88
CA GLU B 34 -28.54 -2.10 3.96
C GLU B 34 -27.93 -2.16 5.34
N SER B 35 -27.37 -3.32 5.70
CA SER B 35 -26.71 -3.48 6.99
C SER B 35 -25.70 -2.37 7.29
N ARG B 36 -24.98 -1.85 6.28
CA ARG B 36 -23.97 -0.84 6.49
C ARG B 36 -24.68 0.46 6.86
N ASP B 37 -25.72 0.74 6.07
CA ASP B 37 -26.47 1.99 6.21
C ASP B 37 -27.10 2.12 7.58
N ASP B 38 -27.61 0.95 7.97
CA ASP B 38 -28.22 0.71 9.27
C ASP B 38 -27.18 1.02 10.37
N ILE B 39 -26.06 0.30 10.41
CA ILE B 39 -25.08 0.43 11.47
C ILE B 39 -24.63 1.88 11.53
N VAL B 40 -24.41 2.48 10.37
CA VAL B 40 -23.98 3.86 10.28
C VAL B 40 -25.04 4.80 10.80
N ALA B 41 -26.31 4.46 10.65
CA ALA B 41 -27.39 5.30 11.14
C ALA B 41 -27.52 5.24 12.65
N LYS B 42 -27.40 4.04 13.23
CA LYS B 42 -27.44 3.88 14.69
C LYS B 42 -26.39 4.72 15.38
N MET B 43 -25.19 4.70 14.79
CA MET B 43 -24.05 5.44 15.29
C MET B 43 -24.25 6.93 15.14
N LYS B 44 -24.97 7.41 14.13
CA LYS B 44 -25.12 8.85 13.94
C LYS B 44 -25.96 9.34 15.11
N ASP B 45 -27.01 8.54 15.36
CA ASP B 45 -27.99 8.77 16.41
C ASP B 45 -27.38 8.73 17.81
N LEU B 46 -26.65 7.65 18.11
CA LEU B 46 -26.03 7.53 19.41
C LEU B 46 -25.01 8.63 19.64
N ALA B 47 -24.32 9.08 18.58
CA ALA B 47 -23.35 10.13 18.79
C ALA B 47 -24.05 11.47 18.82
N MET B 48 -25.35 11.50 18.51
CA MET B 48 -26.18 12.72 18.42
C MET B 48 -25.67 13.75 17.44
N ASP B 49 -25.09 13.26 16.33
CA ASP B 49 -24.44 14.13 15.38
C ASP B 49 -25.47 14.77 14.48
N ASP B 50 -25.55 16.11 14.53
CA ASP B 50 -26.56 16.85 13.78
C ASP B 50 -26.15 17.14 12.34
N HIS B 51 -24.90 16.82 11.99
CA HIS B 51 -24.35 17.11 10.68
C HIS B 51 -25.16 16.54 9.52
N LYS B 52 -25.13 17.29 8.42
CA LYS B 52 -25.85 16.92 7.20
C LYS B 52 -25.25 15.75 6.42
N PHE B 53 -23.95 15.51 6.57
CA PHE B 53 -23.20 14.54 5.79
C PHE B 53 -22.65 13.48 6.73
N PRO B 54 -22.39 12.23 6.28
CA PRO B 54 -21.71 11.19 7.06
C PRO B 54 -20.34 11.58 7.63
N ARG B 55 -20.03 11.13 8.85
CA ARG B 55 -18.83 11.53 9.59
C ARG B 55 -18.64 10.47 10.63
N LEU B 56 -17.39 10.17 10.93
CA LEU B 56 -17.08 9.55 12.19
C LEU B 56 -17.27 10.56 13.29
N PRO B 57 -17.76 10.17 14.47
CA PRO B 57 -17.82 11.06 15.62
C PRO B 57 -16.47 11.23 16.34
N GLY B 58 -15.51 11.87 15.68
CA GLY B 58 -14.18 11.99 16.23
C GLY B 58 -13.46 13.18 15.65
N PRO B 59 -12.43 13.71 16.27
CA PRO B 59 -11.69 14.88 15.80
C PRO B 59 -10.58 14.57 14.84
N ASN B 60 -10.34 15.49 13.91
CA ASN B 60 -9.28 15.34 12.93
C ASN B 60 -8.23 16.38 13.23
N PRO B 61 -7.01 16.02 13.57
CA PRO B 61 -5.98 16.97 13.94
C PRO B 61 -5.55 17.88 12.81
N VAL B 62 -4.95 18.99 13.21
CA VAL B 62 -4.37 19.99 12.30
C VAL B 62 -2.87 20.02 12.52
N SER B 63 -2.02 20.32 11.55
CA SER B 63 -0.61 20.47 11.84
C SER B 63 -0.34 21.66 12.73
N ILE B 64 0.57 21.46 13.66
CA ILE B 64 0.96 22.51 14.55
C ILE B 64 1.75 23.56 13.81
N GLU B 65 1.49 24.80 14.22
CA GLU B 65 2.18 25.97 13.72
C GLU B 65 2.68 26.73 14.94
N ARG B 66 3.74 27.53 14.77
CA ARG B 66 4.34 28.28 15.87
C ARG B 66 3.40 29.30 16.54
N LYS B 67 2.36 29.73 15.85
CA LYS B 67 1.36 30.58 16.42
C LYS B 67 0.59 29.82 17.52
N ASP B 68 0.64 28.50 17.54
CA ASP B 68 -0.11 27.77 18.52
C ASP B 68 0.69 27.73 19.78
N PHE B 69 2.01 27.95 19.69
CA PHE B 69 2.84 27.84 20.88
C PHE B 69 2.43 28.67 22.11
N GLU B 70 1.66 29.74 21.95
CA GLU B 70 1.21 30.53 23.07
C GLU B 70 0.00 29.85 23.69
N LYS B 71 -0.86 29.25 22.86
CA LYS B 71 -2.07 28.60 23.33
C LYS B 71 -1.71 27.41 24.20
N LEU B 72 -0.64 26.72 23.82
CA LEU B 72 -0.18 25.54 24.52
C LEU B 72 0.46 25.88 25.85
N LYS B 73 0.81 27.14 26.10
CA LYS B 73 1.47 27.51 27.35
C LYS B 73 0.42 28.01 28.34
N GLN B 74 -0.82 28.22 27.90
CA GLN B 74 -1.81 28.80 28.76
C GLN B 74 -3.08 27.95 28.84
N ASN B 75 -3.07 26.74 28.29
CA ASN B 75 -4.13 25.77 28.54
C ASN B 75 -3.46 24.46 28.76
N LYS B 76 -4.22 23.51 29.29
CA LYS B 76 -3.67 22.20 29.60
C LYS B 76 -3.99 21.25 28.45
N TYR B 77 -2.91 20.56 28.08
CA TYR B 77 -2.87 19.64 26.97
C TYR B 77 -2.16 18.39 27.42
N VAL B 78 -2.57 17.28 26.82
CA VAL B 78 -1.81 16.04 26.91
C VAL B 78 -1.20 15.59 25.58
N VAL B 79 -0.19 14.74 25.59
CA VAL B 79 0.55 14.27 24.43
C VAL B 79 0.65 12.73 24.38
N SER B 80 0.45 12.11 23.22
CA SER B 80 0.89 10.75 23.02
C SER B 80 1.51 10.58 21.64
N GLU B 81 2.08 9.41 21.36
CA GLU B 81 2.69 9.10 20.09
C GLU B 81 1.60 9.09 19.03
N LYS B 82 1.88 9.46 17.77
CA LYS B 82 0.89 9.48 16.72
C LYS B 82 0.95 8.10 16.09
N THR B 83 0.00 7.21 16.42
CA THR B 83 0.02 5.86 15.86
C THR B 83 -0.22 5.92 14.34
N ASP B 84 0.57 5.15 13.58
CA ASP B 84 0.38 5.06 12.15
C ASP B 84 -0.31 3.75 11.76
N GLY B 85 -1.61 3.80 11.61
CA GLY B 85 -2.40 2.64 11.25
C GLY B 85 -3.63 3.15 10.50
N ILE B 86 -4.88 2.70 10.65
CA ILE B 86 -6.02 3.35 10.02
C ILE B 86 -6.89 3.82 11.17
N ARG B 87 -7.47 5.00 11.01
CA ARG B 87 -8.40 5.56 11.95
C ARG B 87 -9.68 4.77 11.93
N PHE B 88 -10.18 4.31 13.07
CA PHE B 88 -11.49 3.70 13.14
C PHE B 88 -12.26 4.20 14.35
N MET B 89 -13.57 4.25 14.14
CA MET B 89 -14.50 4.35 15.23
C MET B 89 -14.87 2.94 15.67
N MET B 90 -14.72 2.54 16.94
CA MET B 90 -15.23 1.24 17.35
C MET B 90 -16.64 1.46 17.87
N PHE B 91 -17.59 0.68 17.36
CA PHE B 91 -18.99 0.85 17.69
C PHE B 91 -19.59 -0.48 18.12
N PHE B 92 -19.98 -0.53 19.39
CA PHE B 92 -20.54 -1.75 19.98
C PHE B 92 -22.02 -1.49 20.08
N THR B 93 -22.86 -2.37 19.56
CA THR B 93 -24.30 -2.16 19.51
C THR B 93 -24.94 -3.52 19.30
N ARG B 94 -26.25 -3.57 19.09
CA ARG B 94 -26.94 -4.84 18.92
C ARG B 94 -27.63 -4.79 17.59
N VAL B 95 -27.41 -5.75 16.70
CA VAL B 95 -28.01 -5.73 15.38
C VAL B 95 -28.99 -6.87 15.33
N PHE B 96 -30.25 -6.48 15.14
CA PHE B 96 -31.37 -7.40 15.05
C PHE B 96 -31.35 -8.32 16.27
N GLY B 97 -31.16 -7.64 17.41
CA GLY B 97 -31.12 -8.27 18.71
C GLY B 97 -29.72 -8.72 19.10
N PHE B 98 -28.79 -8.92 18.15
CA PHE B 98 -27.51 -9.55 18.48
C PHE B 98 -26.36 -8.59 18.69
N LYS B 99 -25.48 -8.93 19.61
CA LYS B 99 -24.35 -8.10 19.98
C LYS B 99 -23.36 -7.98 18.85
N VAL B 100 -23.19 -6.78 18.24
CA VAL B 100 -22.22 -6.58 17.16
C VAL B 100 -21.16 -5.52 17.50
N CYS B 101 -19.89 -5.88 17.39
CA CYS B 101 -18.79 -4.91 17.40
C CYS B 101 -18.34 -4.59 15.97
N THR B 102 -18.62 -3.36 15.49
CA THR B 102 -18.10 -2.94 14.22
C THR B 102 -16.92 -1.96 14.36
N ILE B 103 -15.95 -1.92 13.44
CA ILE B 103 -15.03 -0.79 13.28
C ILE B 103 -15.48 -0.01 12.02
N ILE B 104 -15.40 1.31 11.95
CA ILE B 104 -15.89 2.10 10.82
C ILE B 104 -14.82 3.14 10.45
N ASP B 105 -14.30 3.20 9.21
CA ASP B 105 -13.24 4.16 8.84
C ASP B 105 -13.74 5.52 8.43
N ARG B 106 -12.85 6.48 8.12
CA ARG B 106 -13.21 7.85 7.76
C ARG B 106 -14.07 7.95 6.53
N ALA B 107 -14.05 6.93 5.66
CA ALA B 107 -14.91 6.84 4.49
C ALA B 107 -16.27 6.20 4.79
N MET B 108 -16.51 5.84 6.05
CA MET B 108 -17.72 5.18 6.50
C MET B 108 -17.85 3.75 5.97
N THR B 109 -16.73 3.09 5.71
CA THR B 109 -16.75 1.67 5.41
C THR B 109 -16.75 0.93 6.75
N VAL B 110 -17.72 0.03 6.92
CA VAL B 110 -17.88 -0.76 8.12
C VAL B 110 -17.25 -2.14 8.03
N TYR B 111 -16.47 -2.54 9.03
CA TYR B 111 -16.02 -3.92 9.15
C TYR B 111 -16.52 -4.58 10.44
N LEU B 112 -16.72 -5.89 10.48
CA LEU B 112 -17.02 -6.58 11.74
C LEU B 112 -15.72 -6.85 12.47
N LEU B 113 -15.54 -6.36 13.71
CA LEU B 113 -14.35 -6.73 14.47
C LEU B 113 -14.76 -7.54 15.69
N PRO B 114 -14.99 -8.85 15.55
CA PRO B 114 -15.53 -9.73 16.58
C PRO B 114 -14.55 -10.06 17.70
N PHE B 115 -14.67 -9.53 18.92
CA PHE B 115 -13.92 -10.08 20.03
C PHE B 115 -14.72 -11.14 20.80
N LYS B 116 -14.08 -11.95 21.62
CA LYS B 116 -14.77 -12.98 22.38
C LYS B 116 -15.41 -12.39 23.64
N ASN B 117 -14.57 -11.92 24.54
CA ASN B 117 -14.95 -11.60 25.91
C ASN B 117 -15.36 -10.14 26.10
N ILE B 118 -16.26 -9.53 25.33
CA ILE B 118 -16.58 -8.13 25.57
C ILE B 118 -17.66 -8.11 26.61
N PRO B 119 -17.54 -7.30 27.66
CA PRO B 119 -18.59 -7.14 28.63
C PRO B 119 -19.88 -6.70 27.93
N ARG B 120 -20.97 -7.43 28.15
CA ARG B 120 -22.14 -7.23 27.33
C ARG B 120 -22.89 -5.94 27.51
N VAL B 121 -22.58 -5.24 28.61
CA VAL B 121 -23.22 -3.95 28.87
C VAL B 121 -22.71 -2.98 27.81
N LEU B 122 -21.51 -3.23 27.23
CA LEU B 122 -20.97 -2.34 26.19
C LEU B 122 -21.83 -2.34 24.95
N PHE B 123 -22.45 -3.49 24.67
CA PHE B 123 -23.34 -3.63 23.54
C PHE B 123 -24.59 -2.82 23.69
N GLN B 124 -24.75 -2.13 24.81
CA GLN B 124 -25.85 -1.19 24.97
C GLN B 124 -25.60 0.11 24.22
N GLY B 125 -24.37 0.33 23.74
CA GLY B 125 -24.08 1.52 22.94
C GLY B 125 -22.78 2.13 23.37
N SER B 126 -21.70 1.78 22.69
CA SER B 126 -20.41 2.34 23.01
C SER B 126 -19.73 2.74 21.72
N ILE B 127 -19.19 3.94 21.71
CA ILE B 127 -18.51 4.58 20.59
C ILE B 127 -17.13 4.96 21.14
N PHE B 128 -16.08 4.19 20.79
CA PHE B 128 -14.68 4.42 21.19
C PHE B 128 -13.78 4.81 20.01
N ASP B 129 -12.83 5.73 20.13
CA ASP B 129 -12.05 6.20 18.99
C ASP B 129 -10.66 5.61 18.91
N GLY B 130 -10.18 5.09 17.77
CA GLY B 130 -8.85 4.50 17.77
C GLY B 130 -8.23 4.23 16.40
N GLU B 131 -7.05 3.58 16.40
CA GLU B 131 -6.28 3.22 15.21
C GLU B 131 -6.20 1.72 15.05
N LEU B 132 -6.55 1.12 13.89
CA LEU B 132 -6.20 -0.28 13.60
C LEU B 132 -4.71 -0.25 13.32
N CYS B 133 -3.84 -1.07 13.89
CA CYS B 133 -2.42 -0.88 13.71
C CYS B 133 -1.70 -2.19 13.94
N VAL B 134 -0.38 -2.26 13.99
CA VAL B 134 0.37 -3.50 14.00
C VAL B 134 1.37 -3.34 15.14
N ASP B 135 1.47 -4.36 15.99
CA ASP B 135 2.40 -4.42 17.09
C ASP B 135 3.69 -4.96 16.48
N ILE B 136 4.69 -4.10 16.46
CA ILE B 136 6.00 -4.44 15.94
C ILE B 136 6.57 -5.74 16.48
N VAL B 137 6.35 -5.97 17.78
CA VAL B 137 7.09 -6.96 18.52
C VAL B 137 6.53 -8.34 18.21
N GLU B 138 5.22 -8.43 18.09
CA GLU B 138 4.70 -9.75 17.90
C GLU B 138 4.02 -9.92 16.59
N LYS B 139 4.05 -8.85 15.80
CA LYS B 139 3.59 -8.90 14.43
C LYS B 139 2.17 -9.40 14.34
N LYS B 140 1.34 -8.88 15.24
CA LYS B 140 -0.09 -9.15 15.23
C LYS B 140 -0.77 -7.80 15.28
N PHE B 141 -2.01 -7.66 14.82
CA PHE B 141 -2.77 -6.43 14.83
C PHE B 141 -3.23 -6.02 16.20
N ALA B 142 -3.41 -4.71 16.36
CA ALA B 142 -3.84 -4.13 17.60
C ALA B 142 -4.80 -3.01 17.30
N PHE B 143 -5.53 -2.55 18.28
CA PHE B 143 -6.39 -1.40 18.13
C PHE B 143 -6.08 -0.53 19.35
N VAL B 144 -5.51 0.64 19.11
CA VAL B 144 -5.07 1.54 20.16
C VAL B 144 -6.18 2.53 20.42
N LEU B 145 -6.76 2.49 21.62
CA LEU B 145 -7.84 3.41 22.01
C LEU B 145 -7.44 4.84 22.37
N PHE B 146 -8.10 5.85 21.82
CA PHE B 146 -7.72 7.23 22.11
C PHE B 146 -8.65 7.92 23.09
N ASP B 147 -9.95 7.60 23.04
CA ASP B 147 -10.95 8.37 23.72
C ASP B 147 -12.30 7.69 23.52
N ALA B 148 -13.34 8.16 24.22
CA ALA B 148 -14.64 7.52 24.14
C ALA B 148 -15.68 8.63 24.03
N VAL B 149 -16.76 8.35 23.28
CA VAL B 149 -17.90 9.27 23.14
C VAL B 149 -19.11 8.78 23.96
N VAL B 150 -19.43 7.50 23.90
CA VAL B 150 -20.56 6.93 24.60
C VAL B 150 -20.05 5.60 25.16
N VAL B 151 -20.25 5.36 26.46
CA VAL B 151 -19.84 4.12 27.13
C VAL B 151 -21.10 3.41 27.58
N SER B 152 -21.35 2.15 27.22
CA SER B 152 -22.52 1.40 27.63
C SER B 152 -23.84 2.15 27.70
N GLY B 153 -24.11 2.97 26.69
CA GLY B 153 -25.34 3.71 26.65
C GLY B 153 -25.11 5.13 27.11
N VAL B 154 -24.09 5.42 27.91
CA VAL B 154 -23.93 6.73 28.51
C VAL B 154 -22.99 7.62 27.73
N THR B 155 -23.50 8.77 27.33
CA THR B 155 -22.71 9.75 26.64
C THR B 155 -21.71 10.36 27.57
N VAL B 156 -20.45 10.03 27.39
CA VAL B 156 -19.45 10.73 28.15
C VAL B 156 -18.93 11.98 27.45
N SER B 157 -19.44 12.38 26.26
CA SER B 157 -18.78 13.42 25.48
C SER B 157 -18.59 14.81 26.05
N GLN B 158 -19.23 15.19 27.16
CA GLN B 158 -19.00 16.51 27.75
C GLN B 158 -18.13 16.46 28.99
N MET B 159 -17.77 15.25 29.46
CA MET B 159 -16.82 15.08 30.53
C MET B 159 -15.43 15.50 30.00
N ASP B 160 -14.46 15.86 30.83
CA ASP B 160 -13.12 16.12 30.40
C ASP B 160 -12.46 14.83 29.92
N LEU B 161 -11.32 14.90 29.23
CA LEU B 161 -10.73 13.74 28.58
C LEU B 161 -10.46 12.64 29.59
N ALA B 162 -9.87 12.95 30.75
CA ALA B 162 -9.55 11.93 31.74
C ALA B 162 -10.75 11.17 32.29
N SER B 163 -11.90 11.81 32.50
CA SER B 163 -13.10 11.14 32.85
C SER B 163 -13.54 10.16 31.79
N ARG B 164 -13.64 10.62 30.54
CA ARG B 164 -14.05 9.79 29.40
C ARG B 164 -13.13 8.62 29.14
N PHE B 165 -11.82 8.83 29.19
CA PHE B 165 -10.87 7.77 28.99
C PHE B 165 -11.01 6.74 30.11
N PHE B 166 -11.13 7.20 31.35
CA PHE B 166 -11.07 6.31 32.48
C PHE B 166 -12.36 5.52 32.57
N ALA B 167 -13.48 6.16 32.27
CA ALA B 167 -14.71 5.44 32.15
C ALA B 167 -14.63 4.31 31.12
N MET B 168 -13.96 4.51 29.98
CA MET B 168 -13.81 3.53 28.93
C MET B 168 -12.96 2.39 29.43
N LYS B 169 -11.83 2.76 30.02
CA LYS B 169 -10.88 1.79 30.52
C LYS B 169 -11.56 0.86 31.51
N ARG B 170 -12.31 1.46 32.42
CA ARG B 170 -13.00 0.77 33.46
C ARG B 170 -14.10 -0.10 32.93
N SER B 171 -14.89 0.28 31.94
CA SER B 171 -15.89 -0.63 31.40
C SER B 171 -15.30 -1.87 30.76
N LEU B 172 -14.04 -1.84 30.38
CA LEU B 172 -13.39 -3.00 29.79
C LEU B 172 -12.49 -3.70 30.80
N LYS B 173 -12.49 -3.30 32.08
CA LYS B 173 -11.54 -3.86 33.04
C LYS B 173 -11.48 -5.37 33.20
N GLU B 174 -12.57 -6.05 32.87
CA GLU B 174 -12.63 -7.51 32.94
C GLU B 174 -12.34 -8.18 31.59
N PHE B 175 -12.19 -7.40 30.49
CA PHE B 175 -12.01 -7.96 29.17
C PHE B 175 -10.65 -8.64 29.13
N LYS B 176 -10.61 -9.86 28.65
CA LYS B 176 -9.33 -10.50 28.35
C LYS B 176 -9.32 -10.89 26.90
N ASN B 177 -8.16 -10.58 26.31
CA ASN B 177 -7.93 -10.91 24.92
C ASN B 177 -7.57 -12.38 24.90
N VAL B 178 -8.30 -13.15 24.09
CA VAL B 178 -7.85 -14.48 23.75
C VAL B 178 -7.10 -14.51 22.40
N PRO B 179 -6.12 -15.40 22.17
CA PRO B 179 -5.39 -15.61 20.92
C PRO B 179 -6.10 -15.65 19.58
N GLU B 180 -7.39 -15.92 19.56
CA GLU B 180 -8.16 -16.06 18.34
C GLU B 180 -8.81 -14.70 18.08
N ASP B 181 -8.54 -13.64 18.85
CA ASP B 181 -9.14 -12.36 18.60
C ASP B 181 -8.45 -11.72 17.39
N PRO B 182 -9.22 -11.02 16.55
CA PRO B 182 -8.69 -10.28 15.43
C PRO B 182 -7.71 -9.17 15.81
N ALA B 183 -7.93 -8.39 16.87
CA ALA B 183 -6.96 -7.37 17.24
C ALA B 183 -6.68 -7.43 18.72
N ILE B 184 -5.47 -7.19 19.17
CA ILE B 184 -5.23 -6.91 20.58
C ILE B 184 -5.78 -5.51 20.95
N LEU B 185 -6.73 -5.35 21.88
CA LEU B 185 -7.10 -4.01 22.35
C LEU B 185 -5.97 -3.38 23.11
N ARG B 186 -5.76 -2.07 22.95
CA ARG B 186 -4.67 -1.35 23.57
C ARG B 186 -5.14 0.07 23.89
N TYR B 187 -4.41 0.86 24.70
CA TYR B 187 -4.86 2.18 25.14
C TYR B 187 -3.73 3.17 24.99
N LYS B 188 -4.11 4.38 24.61
CA LYS B 188 -3.17 5.48 24.50
C LYS B 188 -2.79 5.87 25.91
N GLU B 189 -1.56 6.28 26.11
CA GLU B 189 -1.19 6.80 27.41
C GLU B 189 -0.96 8.30 27.30
N TRP B 190 -1.98 9.08 27.65
CA TRP B 190 -1.91 10.52 27.60
C TRP B 190 -1.04 11.14 28.67
N ILE B 191 0.13 11.72 28.33
CA ILE B 191 1.07 12.36 29.26
C ILE B 191 0.87 13.87 29.23
N PRO B 192 0.89 14.69 30.30
CA PRO B 192 0.63 16.14 30.25
C PRO B 192 1.72 16.89 29.53
N LEU B 193 1.39 17.92 28.75
CA LEU B 193 2.37 18.64 27.95
C LEU B 193 3.51 19.18 28.79
N GLU B 194 3.26 19.46 30.08
CA GLU B 194 4.23 20.06 30.96
C GLU B 194 5.24 19.02 31.37
N HIS B 195 5.20 17.74 30.99
CA HIS B 195 6.20 16.82 31.49
C HIS B 195 7.08 16.26 30.39
N PRO B 196 7.98 17.08 29.82
CA PRO B 196 8.74 16.79 28.62
C PRO B 196 9.53 15.50 28.76
N THR B 197 10.19 15.35 29.90
CA THR B 197 10.98 14.17 30.20
C THR B 197 10.10 12.92 30.27
N ILE B 198 8.86 13.01 30.77
CA ILE B 198 7.97 11.84 30.83
C ILE B 198 7.58 11.49 29.38
N ILE B 199 7.21 12.51 28.59
CA ILE B 199 6.91 12.37 27.16
C ILE B 199 8.06 11.74 26.41
N LYS B 200 9.29 12.27 26.48
CA LYS B 200 10.44 11.70 25.77
C LYS B 200 10.58 10.22 26.01
N ASP B 201 10.52 9.89 27.28
CA ASP B 201 10.67 8.51 27.67
C ASP B 201 9.51 7.66 27.20
N HIS B 202 8.32 8.21 27.21
CA HIS B 202 7.19 7.47 26.70
C HIS B 202 7.29 7.24 25.20
N LEU B 203 7.71 8.26 24.44
CA LEU B 203 7.87 8.13 22.98
C LEU B 203 8.93 7.10 22.67
N LYS B 204 10.00 7.02 23.45
CA LYS B 204 10.93 5.92 23.30
C LYS B 204 10.23 4.58 23.53
N LYS B 205 9.33 4.44 24.51
CA LYS B 205 8.67 3.17 24.80
C LYS B 205 7.66 2.75 23.76
N ALA B 206 6.85 3.72 23.33
CA ALA B 206 5.78 3.38 22.44
C ALA B 206 6.33 3.00 21.07
N ASN B 207 7.42 3.65 20.66
CA ASN B 207 8.10 3.40 19.40
C ASN B 207 8.83 2.08 19.32
N ALA B 208 8.97 1.37 20.42
CA ALA B 208 9.44 0.01 20.40
C ALA B 208 8.30 -0.97 20.22
N ILE B 209 7.04 -0.50 20.30
CA ILE B 209 5.88 -1.38 20.22
C ILE B 209 5.10 -1.11 18.95
N TYR B 210 5.03 0.16 18.50
CA TYR B 210 4.18 0.63 17.42
C TYR B 210 4.93 1.32 16.31
N HIS B 211 4.40 1.30 15.07
CA HIS B 211 4.84 2.26 14.07
C HIS B 211 4.11 3.54 14.27
N THR B 212 4.83 4.66 14.35
CA THR B 212 4.25 5.98 14.58
C THR B 212 4.85 6.94 13.57
N ASP B 213 4.20 8.09 13.38
CA ASP B 213 4.78 9.13 12.54
C ASP B 213 4.76 10.51 13.18
N GLY B 214 5.08 10.64 14.47
CA GLY B 214 5.11 11.91 15.18
C GLY B 214 4.35 11.84 16.50
N LEU B 215 3.81 12.98 16.93
CA LEU B 215 3.09 13.03 18.18
C LEU B 215 1.75 13.71 18.00
N ILE B 216 0.84 13.49 18.96
CA ILE B 216 -0.48 14.11 19.03
C ILE B 216 -0.64 14.95 20.31
N ILE B 217 -1.31 16.10 20.27
CA ILE B 217 -1.39 17.00 21.42
C ILE B 217 -2.86 17.34 21.54
N MET B 218 -3.45 17.02 22.69
CA MET B 218 -4.89 17.09 22.89
C MET B 218 -5.28 17.88 24.16
N SER B 219 -6.38 18.58 24.10
CA SER B 219 -6.91 19.37 25.18
C SER B 219 -7.40 18.45 26.28
N VAL B 220 -7.03 18.78 27.51
CA VAL B 220 -7.52 18.02 28.67
C VAL B 220 -9.02 18.23 28.89
N ASP B 221 -9.45 19.48 28.74
CA ASP B 221 -10.76 19.93 29.14
C ASP B 221 -11.80 19.91 28.03
N GLU B 222 -11.42 20.07 26.77
CA GLU B 222 -12.40 20.33 25.73
C GLU B 222 -13.29 19.12 25.51
N PRO B 223 -14.60 19.21 25.17
CA PRO B 223 -15.45 18.04 24.94
C PRO B 223 -15.09 17.32 23.66
N VAL B 224 -15.78 16.26 23.28
CA VAL B 224 -15.51 15.63 21.98
C VAL B 224 -15.88 16.57 20.83
N ILE B 225 -14.97 16.62 19.85
CA ILE B 225 -15.19 17.42 18.65
C ILE B 225 -15.30 16.43 17.50
N TYR B 226 -16.35 16.55 16.70
CA TYR B 226 -16.49 15.76 15.49
C TYR B 226 -15.88 16.59 14.36
N GLY B 227 -14.90 16.03 13.65
CA GLY B 227 -14.40 16.64 12.43
C GLY B 227 -13.12 17.42 12.62
N ARG B 228 -12.97 18.42 11.79
CA ARG B 228 -11.76 19.23 11.80
C ARG B 228 -11.73 19.90 13.16
N ASN B 229 -10.62 19.74 13.85
CA ASN B 229 -10.56 20.26 15.16
C ASN B 229 -9.32 21.06 15.12
N PHE B 230 -9.45 22.37 15.20
CA PHE B 230 -8.30 23.24 15.20
C PHE B 230 -7.57 23.35 16.53
N ASN B 231 -8.01 22.64 17.55
CA ASN B 231 -7.30 22.67 18.81
C ASN B 231 -6.72 21.30 19.11
N LEU B 232 -6.76 20.39 18.13
CA LEU B 232 -6.05 19.13 18.24
C LEU B 232 -4.91 19.18 17.23
N PHE B 233 -3.66 19.15 17.68
CA PHE B 233 -2.53 19.37 16.82
C PHE B 233 -1.82 18.06 16.49
N LYS B 234 -1.34 17.90 15.24
CA LYS B 234 -0.39 16.86 14.89
C LYS B 234 0.99 17.45 14.59
N LEU B 235 2.06 16.72 14.81
CA LEU B 235 3.39 17.19 14.52
C LEU B 235 4.02 15.96 13.88
N LYS B 236 4.30 15.98 12.59
CA LYS B 236 4.99 14.88 11.91
C LYS B 236 6.31 15.35 11.28
N PRO B 237 7.39 15.28 12.04
CA PRO B 237 8.69 15.80 11.63
C PRO B 237 9.57 14.99 10.67
N GLY B 238 9.43 13.65 10.61
CA GLY B 238 10.25 12.84 9.73
C GLY B 238 9.53 12.31 8.50
N THR B 239 8.30 12.74 8.18
CA THR B 239 7.62 12.31 7.00
C THR B 239 7.63 13.47 6.02
N HIS B 240 7.20 13.18 4.78
CA HIS B 240 6.92 14.16 3.75
C HIS B 240 5.73 14.94 4.28
N HIS B 241 5.64 16.24 3.98
CA HIS B 241 4.42 16.97 4.29
C HIS B 241 3.40 16.61 3.22
N THR B 242 2.19 16.10 3.51
CA THR B 242 1.31 15.54 2.53
C THR B 242 -0.05 16.19 2.50
N ILE B 243 -0.72 16.10 1.36
CA ILE B 243 -2.07 16.57 1.17
C ILE B 243 -2.71 15.40 0.42
N ASP B 244 -4.00 15.13 0.62
CA ASP B 244 -4.65 13.98 0.01
C ASP B 244 -5.56 14.62 -1.00
N PHE B 245 -5.32 14.26 -2.26
CA PHE B 245 -6.00 14.91 -3.38
C PHE B 245 -7.02 13.98 -3.97
N ILE B 246 -8.03 14.52 -4.60
CA ILE B 246 -8.88 13.68 -5.40
C ILE B 246 -8.38 13.70 -6.84
N ILE B 247 -8.30 12.54 -7.49
CA ILE B 247 -7.90 12.46 -8.89
C ILE B 247 -9.14 12.85 -9.64
N MET B 248 -9.01 13.91 -10.44
CA MET B 248 -10.13 14.49 -11.15
C MET B 248 -10.15 14.11 -12.61
N SER B 249 -9.09 13.47 -13.10
CA SER B 249 -9.08 12.93 -14.43
C SER B 249 -7.96 11.92 -14.54
N GLU B 250 -8.29 10.93 -15.38
CA GLU B 250 -7.40 9.95 -15.98
C GLU B 250 -5.91 10.31 -16.11
N ASP B 251 -5.58 11.49 -16.61
CA ASP B 251 -4.22 12.05 -16.71
C ASP B 251 -3.42 12.44 -15.47
N GLY B 252 -4.12 12.36 -14.34
CA GLY B 252 -3.53 12.70 -13.06
C GLY B 252 -3.84 14.13 -12.59
N THR B 253 -4.83 14.89 -13.06
CA THR B 253 -5.18 16.18 -12.47
C THR B 253 -5.75 15.90 -11.11
N ILE B 254 -5.01 16.35 -10.12
CA ILE B 254 -5.32 16.26 -8.71
C ILE B 254 -6.11 17.48 -8.27
N GLY B 255 -7.21 17.28 -7.54
CA GLY B 255 -7.99 18.38 -6.96
C GLY B 255 -8.04 18.42 -5.42
N ILE B 256 -8.50 19.56 -4.90
CA ILE B 256 -8.65 19.83 -3.46
C ILE B 256 -10.10 20.24 -3.20
N PHE B 257 -10.67 19.99 -2.03
CA PHE B 257 -12.09 20.19 -1.84
C PHE B 257 -12.42 21.62 -1.43
N ASP B 258 -13.43 22.26 -2.03
CA ASP B 258 -13.81 23.56 -1.53
C ASP B 258 -15.22 23.51 -0.97
N PRO B 259 -15.37 23.72 0.34
CA PRO B 259 -16.65 23.76 1.01
C PRO B 259 -17.49 24.98 0.65
N ASN B 260 -16.97 26.20 0.45
CA ASN B 260 -17.79 27.35 -0.04
C ASN B 260 -18.32 27.19 -1.46
N LEU B 261 -17.91 26.09 -2.09
CA LEU B 261 -18.49 25.63 -3.35
C LEU B 261 -19.13 24.25 -3.15
N ARG B 262 -18.80 23.59 -2.04
CA ARG B 262 -18.98 22.16 -1.85
C ARG B 262 -18.68 21.29 -3.07
N LYS B 263 -17.53 21.60 -3.66
CA LYS B 263 -17.05 20.90 -4.85
C LYS B 263 -15.53 21.05 -4.89
N ASN B 264 -14.97 20.16 -5.70
CA ASN B 264 -13.53 20.04 -5.89
C ASN B 264 -12.95 21.00 -6.90
N VAL B 265 -11.74 21.45 -6.64
CA VAL B 265 -11.07 22.41 -7.48
C VAL B 265 -9.72 21.81 -7.84
N PRO B 266 -9.34 21.75 -9.14
CA PRO B 266 -8.06 21.23 -9.61
C PRO B 266 -6.95 22.17 -9.20
N VAL B 267 -5.76 21.62 -8.96
CA VAL B 267 -4.71 22.37 -8.30
C VAL B 267 -3.32 21.93 -8.79
N GLY B 268 -3.25 20.90 -9.62
CA GLY B 268 -1.96 20.36 -10.05
C GLY B 268 -2.26 19.17 -10.95
N LYS B 269 -1.20 18.46 -11.35
CA LYS B 269 -1.35 17.34 -12.25
C LYS B 269 -0.19 16.41 -11.98
N LEU B 270 -0.55 15.15 -11.76
CA LEU B 270 0.47 14.17 -11.47
C LEU B 270 1.00 13.58 -12.78
N ASP B 271 2.27 13.28 -12.76
CA ASP B 271 2.84 12.51 -13.85
C ASP B 271 2.31 11.07 -13.82
N GLY B 272 1.72 10.67 -14.93
CA GLY B 272 1.25 9.32 -15.10
C GLY B 272 -0.24 9.39 -15.30
N TYR B 273 -0.86 8.22 -15.32
CA TYR B 273 -2.30 8.10 -15.52
C TYR B 273 -2.86 7.55 -14.23
N TYR B 274 -4.03 7.97 -13.77
CA TYR B 274 -4.50 7.63 -12.44
C TYR B 274 -6.00 7.42 -12.51
N ASN B 275 -6.58 6.80 -11.48
CA ASN B 275 -8.00 6.48 -11.54
C ASN B 275 -8.84 7.63 -11.06
N LYS B 276 -9.57 8.21 -12.00
CA LYS B 276 -10.49 9.28 -11.70
C LYS B 276 -11.39 8.92 -10.53
N GLY B 277 -11.36 9.67 -9.43
CA GLY B 277 -12.17 9.34 -8.28
C GLY B 277 -11.33 8.99 -7.07
N SER B 278 -10.23 8.25 -7.21
CA SER B 278 -9.34 7.93 -6.10
C SER B 278 -8.86 9.15 -5.32
N ILE B 279 -8.71 8.96 -4.00
CA ILE B 279 -8.03 9.90 -3.11
C ILE B 279 -6.60 9.36 -3.11
N VAL B 280 -5.62 10.24 -3.28
CA VAL B 280 -4.24 9.82 -3.35
C VAL B 280 -3.43 10.75 -2.46
N GLU B 281 -2.45 10.18 -1.77
CA GLU B 281 -1.69 10.94 -0.82
C GLU B 281 -0.38 11.26 -1.48
N CYS B 282 -0.08 12.55 -1.51
CA CYS B 282 1.09 13.02 -2.24
C CYS B 282 1.82 13.97 -1.34
N GLY B 283 3.13 13.92 -1.37
CA GLY B 283 3.95 14.81 -0.59
C GLY B 283 4.65 15.82 -1.49
N PHE B 284 4.77 17.05 -1.02
CA PHE B 284 5.57 18.08 -1.64
C PHE B 284 7.03 17.70 -1.53
N ALA B 285 7.71 17.47 -2.62
CA ALA B 285 9.09 17.07 -2.55
C ALA B 285 9.77 17.70 -3.73
N ASP B 286 10.90 18.31 -3.45
CA ASP B 286 11.75 18.89 -4.49
C ASP B 286 10.99 19.81 -5.47
N GLY B 287 9.99 20.52 -4.99
CA GLY B 287 9.25 21.43 -5.83
C GLY B 287 7.92 20.89 -6.26
N THR B 288 7.76 19.59 -6.36
CA THR B 288 6.62 19.10 -7.07
C THR B 288 5.85 18.21 -6.09
N TRP B 289 4.64 17.82 -6.50
CA TRP B 289 3.84 16.86 -5.76
C TRP B 289 4.19 15.43 -6.10
N LYS B 290 4.68 14.67 -5.12
CA LYS B 290 5.12 13.31 -5.31
C LYS B 290 4.09 12.38 -4.71
N TYR B 291 3.58 11.47 -5.52
CA TYR B 291 2.67 10.43 -5.10
C TYR B 291 3.25 9.57 -3.98
N ILE B 292 2.50 9.31 -2.89
CA ILE B 292 2.98 8.45 -1.84
C ILE B 292 2.23 7.14 -1.91
N GLN B 293 0.91 7.17 -1.89
CA GLN B 293 0.07 5.99 -1.91
C GLN B 293 -1.36 6.41 -2.07
N GLY B 294 -2.20 5.44 -2.43
CA GLY B 294 -3.65 5.62 -2.45
C GLY B 294 -4.28 5.63 -1.04
N ARG B 295 -5.49 6.19 -0.87
CA ARG B 295 -6.10 6.33 0.43
C ARG B 295 -7.54 5.87 0.34
N SER B 296 -7.84 4.56 0.49
CA SER B 296 -9.23 4.02 0.48
C SER B 296 -10.02 4.27 1.77
N ASP B 297 -9.30 4.61 2.84
CA ASP B 297 -9.91 5.03 4.09
C ASP B 297 -10.55 6.38 3.99
N LYS B 298 -10.09 7.19 3.06
CA LYS B 298 -10.68 8.51 2.91
C LYS B 298 -11.40 8.40 1.61
N ASN B 299 -12.23 9.38 1.46
CA ASN B 299 -13.21 9.39 0.41
C ASN B 299 -13.43 10.83 -0.03
N GLN B 300 -12.65 11.74 0.53
CA GLN B 300 -12.79 13.15 0.26
C GLN B 300 -11.36 13.63 0.43
N ALA B 301 -11.04 14.55 -0.45
CA ALA B 301 -9.72 15.12 -0.49
C ALA B 301 -9.70 16.16 0.62
N ASN B 302 -8.50 16.61 0.95
CA ASN B 302 -8.31 17.70 1.88
C ASN B 302 -9.04 18.97 1.48
N ASP B 303 -9.29 19.87 2.42
CA ASP B 303 -9.90 21.15 2.13
C ASP B 303 -8.80 22.06 1.65
N ARG B 304 -9.27 23.11 0.98
CA ARG B 304 -8.42 24.21 0.55
C ARG B 304 -7.51 24.70 1.65
N LEU B 305 -8.10 24.85 2.82
CA LEU B 305 -7.38 25.50 3.90
C LEU B 305 -6.22 24.65 4.41
N THR B 306 -6.30 23.31 4.35
CA THR B 306 -5.16 22.45 4.67
C THR B 306 -4.09 22.65 3.63
N TYR B 307 -4.46 22.60 2.34
CA TYR B 307 -3.56 22.81 1.21
C TYR B 307 -2.76 24.11 1.33
N GLU B 308 -3.45 25.21 1.63
CA GLU B 308 -2.83 26.52 1.70
C GLU B 308 -1.81 26.71 2.79
N LYS B 309 -1.77 25.79 3.76
CA LYS B 309 -0.74 25.85 4.80
C LYS B 309 0.48 24.98 4.56
N THR B 310 0.49 24.22 3.45
CA THR B 310 1.55 23.26 3.14
C THR B 310 2.94 23.87 3.33
N LEU B 311 3.14 25.07 2.76
CA LEU B 311 4.46 25.68 2.69
C LEU B 311 4.81 26.44 3.93
N LEU B 312 3.80 26.84 4.72
CA LEU B 312 4.03 27.33 6.05
C LEU B 312 4.56 26.17 6.89
N ASN B 313 3.87 25.04 6.90
CA ASN B 313 4.30 23.87 7.66
C ASN B 313 5.68 23.45 7.27
N ILE B 314 6.05 23.51 5.98
CA ILE B 314 7.42 23.21 5.57
C ILE B 314 8.39 24.31 6.00
N GLU B 315 8.08 25.62 5.92
CA GLU B 315 9.01 26.65 6.41
C GLU B 315 9.30 26.50 7.90
N GLU B 316 8.23 26.58 8.71
CA GLU B 316 8.36 26.52 10.17
C GLU B 316 8.69 25.08 10.45
N ASN B 317 9.87 24.66 10.76
CA ASN B 317 10.06 23.23 10.60
C ASN B 317 10.07 22.69 12.01
N ILE B 318 8.89 22.64 12.63
CA ILE B 318 8.80 22.35 14.05
C ILE B 318 9.27 20.93 14.37
N THR B 319 10.25 20.87 15.25
CA THR B 319 10.74 19.59 15.68
C THR B 319 10.06 19.28 17.02
N ILE B 320 10.10 18.02 17.43
CA ILE B 320 9.57 17.61 18.72
C ILE B 320 10.27 18.34 19.87
N ASP B 321 11.59 18.45 19.77
CA ASP B 321 12.37 19.13 20.78
C ASP B 321 11.90 20.56 20.95
N GLU B 322 11.55 21.34 19.92
CA GLU B 322 11.03 22.68 20.15
C GLU B 322 9.78 22.64 21.01
N LEU B 323 8.91 21.67 20.77
CA LEU B 323 7.68 21.51 21.51
C LEU B 323 8.03 21.21 22.98
N LEU B 324 8.80 20.16 23.20
CA LEU B 324 9.14 19.73 24.55
C LEU B 324 10.09 20.67 25.25
N ASP B 325 10.37 21.81 24.65
CA ASP B 325 11.32 22.75 25.20
C ASP B 325 10.55 24.02 25.50
N LEU B 326 9.26 24.10 25.18
CA LEU B 326 8.43 25.20 25.68
C LEU B 326 8.28 25.14 27.20
N PHE B 327 8.56 23.91 27.65
CA PHE B 327 8.57 23.47 29.04
C PHE B 327 9.98 22.85 29.21
PG GTP C . 9.69 -3.03 -6.68
O1G GTP C . 10.15 -1.95 -7.57
O2G GTP C . 10.57 -3.28 -5.53
O3G GTP C . 8.25 -2.97 -6.34
O3B GTP C . 9.85 -4.41 -7.60
PB GTP C . 9.15 -4.90 -9.03
O1B GTP C . 9.62 -6.29 -9.32
O2B GTP C . 7.69 -4.65 -8.93
O3A GTP C . 9.76 -3.89 -10.15
PA GTP C . 11.23 -3.84 -10.89
O1A GTP C . 12.25 -4.27 -9.97
O2A GTP C . 11.32 -2.53 -11.56
O5' GTP C . 11.06 -4.97 -12.06
C5' GTP C . 10.17 -4.76 -13.14
C4' GTP C . 8.96 -5.63 -13.11
O4' GTP C . 7.93 -5.00 -13.84
C3' GTP C . 9.09 -6.96 -13.77
O3' GTP C . 9.85 -7.92 -13.04
C2' GTP C . 7.65 -7.34 -13.98
O2' GTP C . 7.15 -7.99 -12.86
C1' GTP C . 6.94 -5.99 -14.12
N9 GTP C . 6.44 -5.79 -15.48
C8 GTP C . 5.27 -5.24 -15.89
N7 GTP C . 5.08 -5.25 -17.18
C5 GTP C . 6.27 -5.83 -17.65
C6 GTP C . 6.65 -6.13 -18.97
O6 GTP C . 6.04 -5.92 -20.01
N1 GTP C . 7.90 -6.77 -19.02
C2 GTP C . 8.70 -7.05 -17.94
N2 GTP C . 9.89 -7.66 -18.14
N3 GTP C . 8.30 -6.78 -16.69
C4 GTP C . 7.08 -6.17 -16.62
PG GTP D . -5.89 14.49 7.39
O1G GTP D . -4.57 15.18 7.48
O2G GTP D . -6.89 15.00 8.34
O3G GTP D . -6.37 14.29 6.03
O3B GTP D . -5.56 13.04 7.89
PB GTP D . -4.42 12.04 7.51
O1B GTP D . -4.76 10.71 7.99
O2B GTP D . -4.18 12.21 6.01
O3A GTP D . -3.11 12.60 8.26
PA GTP D . -2.41 12.19 9.70
O1A GTP D . -1.09 12.84 9.72
O2A GTP D . -2.50 10.75 9.90
O5' GTP D . -3.31 12.94 10.86
C5' GTP D . -4.59 12.41 11.28
C4' GTP D . -4.57 11.01 11.87
O4' GTP D . -3.63 10.74 12.90
C3' GTP D . -5.85 10.64 12.45
O3' GTP D . -6.84 10.47 11.49
C2' GTP D . -5.55 9.39 13.13
O2' GTP D . -5.71 8.32 12.22
C1' GTP D . -4.08 9.53 13.53
N9 GTP D . -3.87 9.52 14.99
C8 GTP D . -2.91 8.86 15.67
N7 GTP D . -2.94 9.00 16.96
C5 GTP D . -4.05 9.80 17.17
C6 GTP D . -4.62 10.27 18.41
O6 GTP D . -4.18 10.02 19.54
N1 GTP D . -5.74 11.07 18.19
C2 GTP D . -6.26 11.38 16.97
N2 GTP D . -7.35 12.15 16.87
N3 GTP D . -5.74 10.92 15.82
C4 GTP D . -4.63 10.15 15.99
#